data_7BE9
#
_entry.id   7BE9
#
_cell.length_a   1.00
_cell.length_b   1.00
_cell.length_c   1.00
_cell.angle_alpha   90.00
_cell.angle_beta   90.00
_cell.angle_gamma   90.00
#
_symmetry.space_group_name_H-M   'P 1'
#
loop_
_entity.id
_entity.type
_entity.pdbx_description
1 polymer 'Structural polyprotein'
2 polymer 'Structural polyprotein'
3 polymer 'Structural polyprotein'
#
loop_
_entity_poly.entity_id
_entity_poly.type
_entity_poly.pdbx_seq_one_letter_code
_entity_poly.pdbx_strand_id
1 'polypeptide(L)'
;ENTISFFDSGDPERMNNEALMRGCGEQIVNLRPLLRTFRTINDNWSLAANTKTPITDLTNTADAEGRDYMSYLSFLYRFY
RGGRRYKFFNTTPLKQSQTCYVRSFLIPRNYTADEINTDGPSHITYPVINPVHEVEVPFYSQYRKIPIASTSDKGYDSSL
MYYTNVGTQQIVARAGNDDFTFGWMIGTPQLQGITKEV
;
A
2 'polypeptide(L)'
;SKPRNQNQVMPYQNVPGWGYSLYKGIDMSVPLAYDPNNELGDLRDVFPSAVDEMAIGYVCGNPAIKHVLTWSTTDVVQNP
ISNGDDWGGVIPVGMPCYSKTIRAVKGATSTSKTEVMDPAPCEYVANLFSYWRATMCYRITVVKTAFHTGRLEIFFEPGS
IPTVRTADNLGPDQTQLNGTIAPSDNNYKYILDLTNDTEVTIKVPYVSNKMFMKTVGIYGAHDEDNWNFDESFTGFLCIR
PITKLMAPDTVSQKVSIVVWKWAEDVVVVEPKPLTSGPTQVYNPPAVA
;
C
3 'polypeptide(L)'
;SIIQFLQRPVLIDNIEIVAGTTADNNTALSRYVLDRTNPQKYIKQWTLPSTVLKAGGKAQKLANFKYLRCDVQVKIVLNA
NPFIAGRLYLAYSPYDDKVAPERRIIYTSRAGVTGYPGVELDFQLDNSVEMTIPYASFQEAYDLVSGNEDFVQLYLFTIA
PVLGPSAESANSKVDLSVYMWLDNISLVIPTYRLNP
;
B
#
# COMPACT_ATOMS: atom_id res chain seq x y z
N GLU A 1 -22.55 -11.29 -9.07
CA GLU A 1 -21.20 -11.81 -9.13
C GLU A 1 -21.20 -13.32 -9.16
N ASN A 2 -20.04 -13.91 -9.40
CA ASN A 2 -19.86 -15.34 -9.35
C ASN A 2 -18.77 -15.71 -8.36
N THR A 3 -19.13 -16.52 -7.37
CA THR A 3 -18.23 -16.85 -6.28
C THR A 3 -18.42 -18.30 -5.91
N ILE A 4 -17.31 -18.97 -5.65
CA ILE A 4 -17.32 -20.38 -5.25
C ILE A 4 -16.35 -20.58 -4.09
N SER A 5 -16.51 -21.71 -3.43
CA SER A 5 -15.67 -22.04 -2.29
C SER A 5 -15.48 -23.54 -2.25
N PHE A 6 -14.28 -23.95 -1.86
CA PHE A 6 -13.99 -25.33 -1.55
C PHE A 6 -14.15 -25.53 -0.04
N PHE A 7 -15.40 -25.34 0.38
CA PHE A 7 -15.84 -25.21 1.77
C PHE A 7 -15.74 -23.80 2.33
N PRO A 12 -14.23 -22.33 10.83
CA PRO A 12 -13.53 -21.28 10.08
C PRO A 12 -13.43 -19.98 10.87
N GLU A 13 -14.53 -19.23 10.91
CA GLU A 13 -14.62 -18.02 11.72
C GLU A 13 -14.40 -18.30 13.20
N ARG A 14 -14.40 -19.57 13.60
CA ARG A 14 -14.11 -20.02 14.95
C ARG A 14 -12.82 -20.83 15.04
N MET A 15 -12.59 -21.77 14.12
CA MET A 15 -11.35 -22.52 14.11
C MET A 15 -10.17 -21.57 14.18
N ASN A 16 -10.29 -20.42 13.52
CA ASN A 16 -9.28 -19.39 13.66
C ASN A 16 -9.08 -19.05 15.13
N ASN A 17 -10.14 -18.57 15.78
CA ASN A 17 -10.04 -18.17 17.18
C ASN A 17 -9.74 -19.36 18.07
N GLU A 18 -10.10 -20.57 17.64
CA GLU A 18 -9.88 -21.75 18.48
C GLU A 18 -8.42 -22.14 18.48
N ALA A 19 -7.87 -22.43 17.31
CA ALA A 19 -6.44 -22.69 17.20
C ALA A 19 -5.63 -21.51 17.68
N LEU A 20 -6.25 -20.33 17.74
CA LEU A 20 -5.60 -19.20 18.38
C LEU A 20 -5.53 -19.42 19.88
N MET A 21 -6.66 -19.74 20.50
CA MET A 21 -6.65 -19.98 21.92
C MET A 21 -5.57 -20.97 22.30
N ARG A 22 -5.67 -22.19 21.78
CA ARG A 22 -4.70 -23.24 22.09
C ARG A 22 -3.31 -22.95 21.57
N GLY A 23 -3.14 -21.98 20.68
CA GLY A 23 -1.81 -21.69 20.21
C GLY A 23 -1.33 -20.32 20.60
N CYS A 24 -2.22 -19.33 20.58
CA CYS A 24 -1.82 -17.95 20.79
C CYS A 24 -2.95 -17.11 21.37
N GLY A 25 -2.81 -16.71 22.63
CA GLY A 25 -3.88 -15.96 23.29
C GLY A 25 -4.13 -14.59 22.70
N GLU A 26 -3.30 -14.16 21.76
CA GLU A 26 -3.41 -12.83 21.17
C GLU A 26 -4.32 -12.83 19.96
N GLN A 27 -5.56 -12.40 20.15
CA GLN A 27 -6.52 -12.35 19.05
C GLN A 27 -6.41 -11.02 18.35
N ILE A 28 -5.26 -10.76 17.73
CA ILE A 28 -5.01 -9.48 17.09
C ILE A 28 -5.86 -9.37 15.84
N VAL A 29 -6.68 -8.32 15.76
CA VAL A 29 -7.43 -8.04 14.55
C VAL A 29 -7.29 -6.58 14.13
N ASN A 30 -7.00 -5.71 15.09
CA ASN A 30 -6.86 -4.30 14.81
C ASN A 30 -5.40 -3.90 14.85
N LEU A 31 -5.01 -3.02 13.95
CA LEU A 31 -3.63 -2.58 13.90
C LEU A 31 -3.38 -1.39 14.82
N ARG A 32 -4.38 -0.56 15.01
CA ARG A 32 -4.27 0.65 15.82
C ARG A 32 -3.47 0.36 17.08
N PRO A 33 -3.76 -0.73 17.79
CA PRO A 33 -2.92 -1.11 18.92
C PRO A 33 -1.46 -1.25 18.53
N LEU A 34 -1.20 -1.85 17.37
CA LEU A 34 0.16 -2.04 16.92
C LEU A 34 0.82 -0.74 16.52
N LEU A 35 0.09 0.37 16.57
CA LEU A 35 0.69 1.69 16.47
C LEU A 35 1.03 2.26 17.83
N ARG A 36 0.22 1.95 18.85
CA ARG A 36 0.57 2.30 20.20
C ARG A 36 1.78 1.51 20.69
N THR A 37 2.08 0.40 20.04
CA THR A 37 3.25 -0.38 20.40
C THR A 37 4.51 0.27 19.84
N PHE A 38 5.61 0.12 20.56
CA PHE A 38 6.88 0.68 20.15
C PHE A 38 7.66 -0.29 19.28
N ARG A 39 8.76 0.20 18.74
CA ARG A 39 9.71 -0.62 18.02
C ARG A 39 10.95 0.20 17.74
N THR A 40 12.10 -0.46 17.85
CA THR A 40 13.37 0.23 17.73
C THR A 40 13.47 0.88 16.36
N ILE A 41 13.97 2.12 16.35
CA ILE A 41 14.16 2.84 15.10
C ILE A 41 15.62 2.92 14.68
N ASN A 42 16.54 2.89 15.62
CA ASN A 42 17.95 3.04 15.29
C ASN A 42 18.78 2.36 16.35
N ASP A 43 19.84 1.69 15.91
CA ASP A 43 20.80 1.06 16.81
C ASP A 43 21.96 2.00 17.05
N ASN A 44 21.98 2.63 18.23
CA ASN A 44 23.08 3.46 18.67
C ASN A 44 23.23 4.68 17.77
N TRP A 45 22.17 5.47 17.73
CA TRP A 45 22.27 6.84 17.24
C TRP A 45 23.31 7.59 18.04
N SER A 46 23.96 8.54 17.38
CA SER A 46 24.90 9.43 18.03
C SER A 46 24.30 10.82 18.04
N LEU A 47 24.95 11.71 18.78
CA LEU A 47 24.46 13.06 18.95
C LEU A 47 25.58 13.96 19.44
N ALA A 48 25.63 15.16 18.88
CA ALA A 48 26.65 16.13 19.24
C ALA A 48 26.50 16.55 20.70
N ALA A 49 27.57 17.08 21.26
CA ALA A 49 27.65 17.29 22.69
C ALA A 49 27.06 18.63 23.10
N ASN A 50 26.56 18.68 24.34
CA ASN A 50 26.18 19.93 25.00
C ASN A 50 25.36 20.82 24.07
N THR A 51 24.62 20.18 23.18
CA THR A 51 23.93 20.89 22.12
C THR A 51 22.56 20.26 21.94
N LYS A 52 21.94 20.56 20.80
CA LYS A 52 20.60 20.12 20.52
C LYS A 52 20.45 19.82 19.02
N THR A 53 19.40 19.05 18.72
CA THR A 53 19.12 18.57 17.39
C THR A 53 17.63 18.44 17.16
N PRO A 54 17.14 18.82 15.98
CA PRO A 54 15.77 18.51 15.62
C PRO A 54 15.67 17.06 15.20
N ILE A 55 14.83 16.31 15.92
CA ILE A 55 14.80 14.86 15.74
C ILE A 55 14.49 14.45 14.31
N THR A 56 13.87 15.35 13.53
CA THR A 56 13.64 15.06 12.12
C THR A 56 14.92 14.58 11.44
N ASP A 57 16.04 15.25 11.70
CA ASP A 57 17.31 14.86 11.10
C ASP A 57 17.52 13.36 11.12
N LEU A 58 16.96 12.69 12.12
CA LEU A 58 16.98 11.24 12.19
C LEU A 58 15.69 10.63 11.67
N THR A 59 14.56 11.10 12.19
CA THR A 59 13.26 10.56 11.82
C THR A 59 13.14 10.38 10.31
N ASN A 60 13.19 11.49 9.58
CA ASN A 60 12.96 11.46 8.14
C ASN A 60 13.71 10.32 7.49
N THR A 61 14.93 10.06 7.94
CA THR A 61 15.74 9.04 7.30
C THR A 61 15.18 7.65 7.57
N ALA A 62 14.98 7.33 8.85
CA ALA A 62 14.41 6.03 9.18
C ALA A 62 13.01 5.88 8.61
N ASP A 63 12.28 6.98 8.49
CA ASP A 63 10.98 6.94 7.82
C ASP A 63 11.13 6.32 6.43
N ALA A 64 12.15 6.75 5.69
CA ALA A 64 12.37 6.23 4.35
C ALA A 64 12.74 4.76 4.36
N GLU A 65 13.22 4.24 5.49
CA GLU A 65 13.67 2.85 5.55
C GLU A 65 12.54 1.89 5.89
N GLY A 66 11.47 2.36 6.52
CA GLY A 66 10.39 1.48 6.90
C GLY A 66 10.80 0.42 7.90
N ARG A 67 11.80 0.70 8.72
CA ARG A 67 12.28 -0.28 9.70
C ARG A 67 11.26 -0.55 10.79
N ASP A 68 10.26 0.31 10.95
CA ASP A 68 9.28 0.17 12.02
C ASP A 68 7.88 0.29 11.45
N TYR A 69 6.89 0.06 12.31
CA TYR A 69 5.50 0.11 11.88
C TYR A 69 5.12 1.50 11.42
N MET A 70 5.33 2.49 12.27
CA MET A 70 4.87 3.84 12.00
C MET A 70 5.58 4.48 10.79
N SER A 71 6.45 3.73 10.12
CA SER A 71 6.94 4.14 8.81
C SER A 71 6.59 3.09 7.75
N TYR A 72 6.75 1.83 8.09
CA TYR A 72 6.38 0.74 7.21
C TYR A 72 4.94 0.93 6.72
N LEU A 73 4.01 1.07 7.65
CA LEU A 73 2.61 1.34 7.30
C LEU A 73 2.46 2.73 6.70
N SER A 74 3.22 3.70 7.18
CA SER A 74 3.18 5.01 6.55
C SER A 74 3.30 4.90 5.05
N PHE A 75 4.15 3.99 4.57
CA PHE A 75 4.26 3.75 3.15
C PHE A 75 3.00 3.13 2.57
N LEU A 76 1.95 2.96 3.37
CA LEU A 76 0.72 2.33 2.95
C LEU A 76 -0.47 3.26 3.03
N TYR A 77 -0.33 4.45 3.59
CA TYR A 77 -1.43 5.38 3.74
C TYR A 77 -1.00 6.75 3.20
N ARG A 78 -1.84 7.74 3.42
CA ARG A 78 -1.56 9.11 3.04
C ARG A 78 -1.69 10.08 4.20
N PHE A 79 -2.64 9.85 5.09
CA PHE A 79 -3.00 10.82 6.11
C PHE A 79 -3.08 10.19 7.48
N TYR A 80 -2.86 11.01 8.48
CA TYR A 80 -2.87 10.57 9.86
C TYR A 80 -3.21 11.73 10.77
N ARG A 81 -3.38 11.40 12.04
CA ARG A 81 -3.48 12.38 13.11
C ARG A 81 -3.04 11.72 14.40
N GLY A 82 -2.89 12.53 15.44
CA GLY A 82 -2.59 12.03 16.76
C GLY A 82 -1.16 12.27 17.15
N GLY A 83 -0.88 11.96 18.41
CA GLY A 83 0.37 12.33 19.05
C GLY A 83 1.35 11.18 19.08
N ARG A 84 2.52 11.43 18.52
CA ARG A 84 3.58 10.43 18.55
C ARG A 84 4.21 10.36 19.93
N ARG A 85 4.98 9.32 20.15
CA ARG A 85 5.50 8.96 21.45
C ARG A 85 6.90 8.39 21.27
N TYR A 86 7.90 9.11 21.75
CA TYR A 86 9.29 8.80 21.50
C TYR A 86 9.97 8.37 22.79
N LYS A 87 11.02 7.56 22.63
CA LYS A 87 11.77 7.01 23.75
C LYS A 87 13.24 6.96 23.41
N PHE A 88 14.06 7.38 24.37
CA PHE A 88 15.51 7.40 24.26
C PHE A 88 16.10 6.61 25.41
N PHE A 89 16.90 5.61 25.07
CA PHE A 89 17.66 4.83 26.03
C PHE A 89 19.11 5.24 25.94
N ASN A 90 19.72 5.57 27.07
CA ASN A 90 21.12 5.98 27.03
C ASN A 90 22.03 4.76 27.04
N THR A 91 23.10 4.85 26.26
CA THR A 91 24.13 3.81 26.23
C THR A 91 25.52 4.44 26.18
N THR A 92 25.62 5.76 26.22
CA THR A 92 26.91 6.42 26.15
C THR A 92 27.78 6.00 27.32
N PRO A 93 29.04 5.62 27.06
CA PRO A 93 29.87 5.08 28.15
C PRO A 93 30.30 6.09 29.20
N LEU A 94 30.69 7.30 28.81
CA LEU A 94 31.44 8.17 29.73
C LEU A 94 30.78 9.54 29.81
N LYS A 95 30.54 10.00 31.05
CA LYS A 95 30.07 11.35 31.30
C LYS A 95 30.43 11.74 32.72
N GLN A 98 30.36 13.05 33.00
CA GLN A 98 30.51 13.54 34.37
C GLN A 98 29.13 13.75 34.99
N THR A 99 28.34 14.64 34.41
CA THR A 99 26.94 14.80 34.78
C THR A 99 26.12 14.95 33.51
N CYS A 100 24.93 14.39 33.53
CA CYS A 100 24.19 14.09 32.31
C CYS A 100 22.75 14.59 32.44
N TYR A 101 22.52 15.83 32.08
CA TYR A 101 21.16 16.25 31.79
C TYR A 101 20.79 15.83 30.39
N VAL A 102 19.52 15.49 30.20
CA VAL A 102 18.99 15.28 28.87
C VAL A 102 17.62 15.92 28.83
N ARG A 103 17.41 16.78 27.84
CA ARG A 103 16.29 17.70 27.84
C ARG A 103 15.59 17.61 26.50
N SER A 104 14.34 18.03 26.49
CA SER A 104 13.50 17.92 25.32
C SER A 104 12.52 19.07 25.29
N PHE A 105 12.39 19.68 24.12
CA PHE A 105 11.50 20.80 23.90
C PHE A 105 10.64 20.54 22.67
N LEU A 106 9.75 21.47 22.41
CA LEU A 106 8.90 21.40 21.24
C LEU A 106 9.45 22.27 20.12
N ILE A 107 9.06 21.93 18.91
CA ILE A 107 9.59 22.57 17.71
C ILE A 107 8.65 22.25 16.57
N PRO A 108 8.16 23.23 15.83
CA PRO A 108 7.39 22.91 14.63
C PRO A 108 8.12 21.89 13.77
N ARG A 109 7.35 21.09 13.06
CA ARG A 109 7.86 19.84 12.51
C ARG A 109 9.22 20.02 11.85
N ASN A 110 9.28 20.82 10.78
CA ASN A 110 10.48 20.92 9.97
C ASN A 110 11.18 22.25 10.11
N TYR A 111 10.90 23.02 11.15
CA TYR A 111 11.68 24.22 11.40
C TYR A 111 13.04 23.82 11.95
N THR A 112 14.01 24.71 11.76
CA THR A 112 15.37 24.41 12.12
C THR A 112 15.66 24.88 13.54
N ALA A 113 16.71 24.31 14.12
CA ALA A 113 17.08 24.63 15.49
C ALA A 113 17.35 26.12 15.68
N ASP A 114 17.90 26.77 14.66
CA ASP A 114 18.29 28.17 14.80
C ASP A 114 17.09 29.12 14.72
N GLU A 115 16.11 28.79 13.89
CA GLU A 115 14.96 29.66 13.68
C GLU A 115 13.85 29.40 14.68
N ILE A 116 14.17 28.87 15.85
CA ILE A 116 13.17 28.44 16.83
C ILE A 116 13.68 28.75 18.23
N ASN A 117 12.75 28.96 19.14
CA ASN A 117 13.05 29.22 20.55
C ASN A 117 13.55 27.94 21.20
N THR A 118 14.28 28.09 22.29
CA THR A 118 14.64 26.98 23.16
C THR A 118 13.91 27.03 24.49
N ASP A 119 12.85 27.83 24.59
CA ASP A 119 12.14 28.03 25.83
C ASP A 119 10.67 27.68 25.66
N GLY A 120 10.19 26.77 26.49
CA GLY A 120 8.82 26.33 26.43
C GLY A 120 8.61 25.01 27.14
N PRO A 121 7.44 24.42 26.94
CA PRO A 121 7.17 23.11 27.53
C PRO A 121 8.26 22.12 27.21
N SER A 122 8.87 21.60 28.27
CA SER A 122 10.06 20.79 28.14
C SER A 122 9.98 19.64 29.14
N HIS A 123 10.94 18.74 29.00
CA HIS A 123 11.14 17.66 29.95
C HIS A 123 12.62 17.43 30.09
N ILE A 124 13.02 16.95 31.27
CA ILE A 124 14.42 16.75 31.58
C ILE A 124 14.56 15.48 32.40
N THR A 125 15.70 14.83 32.28
CA THR A 125 15.99 13.68 33.11
C THR A 125 17.50 13.48 33.19
N TYR A 126 17.89 12.54 34.04
CA TYR A 126 19.30 12.36 34.41
C TYR A 126 19.63 10.89 34.51
N PRO A 127 20.42 10.36 33.57
CA PRO A 127 21.03 9.04 33.69
C PRO A 127 22.00 8.94 34.86
N ASN A 130 18.19 8.04 36.36
CA ASN A 130 17.32 7.46 35.35
C ASN A 130 17.88 7.70 33.95
N PRO A 131 18.15 6.63 33.21
CA PRO A 131 18.85 6.76 31.93
C PRO A 131 17.95 6.96 30.73
N VAL A 132 16.65 7.18 30.94
CA VAL A 132 15.69 7.06 29.87
C VAL A 132 14.84 8.33 29.74
N HIS A 133 14.41 8.59 28.52
CA HIS A 133 13.52 9.69 28.19
C HIS A 133 12.31 9.11 27.46
N GLU A 134 11.11 9.49 27.92
CA GLU A 134 9.91 8.72 27.62
C GLU A 134 8.74 9.61 27.21
N VAL A 135 8.94 10.46 26.24
CA VAL A 135 8.04 11.58 26.03
C VAL A 135 6.94 11.20 25.06
N GLU A 136 5.82 11.93 25.14
CA GLU A 136 4.71 11.82 24.21
C GLU A 136 4.44 13.17 23.60
N VAL A 137 4.66 13.28 22.30
CA VAL A 137 4.45 14.54 21.57
C VAL A 137 3.03 14.55 21.06
N PRO A 138 2.25 15.59 21.33
CA PRO A 138 0.83 15.59 20.96
C PRO A 138 0.61 16.03 19.53
N PHE A 139 -0.66 16.17 19.19
CA PHE A 139 -1.09 16.52 17.85
C PHE A 139 -1.57 17.96 17.84
N TYR A 140 -0.69 18.87 17.43
CA TYR A 140 -1.05 20.27 17.21
C TYR A 140 -0.74 20.62 15.77
N SER A 141 -1.76 21.08 15.06
CA SER A 141 -1.71 21.15 13.61
C SER A 141 -2.72 22.19 13.15
N GLN A 142 -2.79 22.37 11.84
CA GLN A 142 -3.42 23.57 11.34
C GLN A 142 -4.30 23.30 10.13
N TYR A 143 -4.47 22.05 9.69
CA TYR A 143 -5.36 21.84 8.57
C TYR A 143 -6.57 21.00 8.94
N ARG A 144 -6.38 19.68 9.05
CA ARG A 144 -7.18 18.82 9.89
C ARG A 144 -6.43 17.56 10.29
N LYS A 145 -5.38 17.24 9.56
CA LYS A 145 -4.67 16.00 9.59
C LYS A 145 -3.35 16.29 8.91
N ILE A 146 -2.58 15.25 8.60
CA ILE A 146 -1.30 15.53 7.96
C ILE A 146 -1.01 14.52 6.86
N PRO A 147 -0.70 14.98 5.65
CA PRO A 147 -0.08 14.09 4.67
C PRO A 147 1.23 13.55 5.22
N ILE A 148 1.38 12.23 5.13
CA ILE A 148 2.41 11.54 5.88
C ILE A 148 3.81 12.03 5.53
N ALA A 149 4.06 12.35 4.27
CA ALA A 149 5.40 12.81 3.86
C ALA A 149 5.32 13.99 2.92
N SER A 150 4.44 14.95 3.22
CA SER A 150 4.38 16.16 2.42
C SER A 150 5.71 16.89 2.51
N THR A 151 6.45 16.89 1.41
CA THR A 151 7.74 17.55 1.41
C THR A 151 7.61 19.04 1.66
N SER A 152 6.42 19.60 1.48
CA SER A 152 6.18 21.03 1.55
C SER A 152 5.49 21.36 2.86
N ASP A 153 6.25 21.89 3.81
CA ASP A 153 5.66 22.44 5.02
C ASP A 153 6.60 23.46 5.63
N LYS A 154 6.03 24.58 6.06
CA LYS A 154 6.66 25.44 7.04
C LYS A 154 6.26 25.08 8.45
N GLY A 155 6.43 23.82 8.83
CA GLY A 155 6.16 23.42 10.19
C GLY A 155 4.69 23.54 10.53
N TYR A 156 3.84 22.93 9.71
CA TYR A 156 2.42 22.90 10.02
C TYR A 156 2.18 22.45 11.46
N ASP A 157 2.67 21.26 11.79
CA ASP A 157 2.39 20.64 13.07
C ASP A 157 3.63 20.60 13.96
N SER A 158 3.49 19.94 15.10
CA SER A 158 4.52 19.97 16.12
C SER A 158 5.43 18.75 16.03
N SER A 159 6.59 18.86 16.67
CA SER A 159 7.55 17.77 16.79
C SER A 159 8.55 18.13 17.88
N LEU A 160 9.62 17.36 17.95
CA LEU A 160 10.51 17.33 19.10
C LEU A 160 11.88 17.91 18.77
N MET A 161 12.43 18.67 19.71
CA MET A 161 13.83 19.08 19.69
C MET A 161 14.50 18.52 20.93
N TYR A 162 15.75 18.09 20.79
CA TYR A 162 16.40 17.30 21.82
C TYR A 162 17.72 17.95 22.19
N TYR A 163 18.04 18.00 23.48
CA TYR A 163 19.29 18.56 23.96
C TYR A 163 19.97 17.56 24.88
N THR A 164 21.29 17.48 24.79
CA THR A 164 22.08 16.68 25.70
C THR A 164 23.29 17.47 26.16
N ASN A 165 23.84 17.05 27.29
CA ASN A 165 25.00 17.74 27.87
C ASN A 165 26.30 17.35 27.20
N VAL A 166 26.41 16.12 26.71
CA VAL A 166 27.68 15.58 26.25
C VAL A 166 27.49 14.85 24.93
N GLY A 167 28.61 14.59 24.26
CA GLY A 167 28.60 13.79 23.06
C GLY A 167 27.98 12.45 23.41
N THR A 168 26.81 12.19 22.85
CA THR A 168 25.91 11.18 23.41
C THR A 168 25.59 10.10 22.40
N GLN A 169 25.21 8.95 22.93
CA GLN A 169 24.74 7.82 22.15
C GLN A 169 23.45 7.32 22.76
N GLN A 170 22.50 6.94 21.91
CA GLN A 170 21.18 6.56 22.36
C GLN A 170 20.60 5.48 21.47
N ILE A 171 19.80 4.64 22.07
CA ILE A 171 18.84 3.83 21.35
C ILE A 171 17.53 4.58 21.33
N VAL A 172 16.74 4.36 20.30
CA VAL A 172 15.59 5.21 20.03
C VAL A 172 14.41 4.35 19.61
N ALA A 173 13.22 4.76 20.05
CA ALA A 173 12.00 4.08 19.69
C ALA A 173 10.87 5.09 19.56
N ARG A 174 9.80 4.67 18.90
CA ARG A 174 8.75 5.59 18.51
C ARG A 174 7.46 4.83 18.29
N ALA A 175 6.36 5.53 18.53
CA ALA A 175 5.03 4.94 18.39
C ALA A 175 4.02 6.07 18.40
N GLY A 176 2.74 5.71 18.53
CA GLY A 176 1.68 6.69 18.56
C GLY A 176 0.88 6.63 19.86
N ASN A 177 0.31 7.77 20.22
CA ASN A 177 -0.52 7.87 21.41
C ASN A 177 -1.91 7.32 21.17
N ASP A 179 -4.92 10.39 20.09
CA ASP A 179 -4.99 9.07 19.48
C ASP A 179 -4.34 9.07 18.12
N PHE A 180 -3.24 8.35 18.00
CA PHE A 180 -2.55 8.28 16.72
C PHE A 180 -3.25 7.29 15.80
N THR A 181 -3.34 7.65 14.53
CA THR A 181 -4.04 6.84 13.55
C THR A 181 -3.82 7.44 12.17
N PHE A 182 -3.75 6.55 11.19
CA PHE A 182 -3.67 6.98 9.80
C PHE A 182 -5.04 7.32 9.27
N TRP A 184 -5.86 7.08 5.85
CA TRP A 184 -6.41 6.96 4.50
C TRP A 184 -5.73 5.83 3.74
N MET A 185 -6.52 5.08 2.99
CA MET A 185 -6.02 3.84 2.40
C MET A 185 -5.29 4.11 1.09
N ILE A 186 -4.31 3.25 0.82
CA ILE A 186 -3.47 3.34 -0.37
C ILE A 186 -3.00 1.93 -0.70
N GLY A 187 -2.39 1.77 -1.87
CA GLY A 187 -1.70 0.54 -2.20
C GLY A 187 -0.40 0.43 -1.44
N THR A 188 0.61 -0.18 -2.02
CA THR A 188 1.88 -0.36 -1.33
C THR A 188 3.01 -0.39 -2.35
N PRO A 189 4.19 0.06 -1.98
CA PRO A 189 5.32 0.08 -2.93
C PRO A 189 6.05 -1.25 -2.96
N GLN A 190 7.05 -1.29 -3.84
CA GLN A 190 7.96 -2.41 -3.93
C GLN A 190 8.84 -2.45 -2.69
N LEU A 191 9.32 -3.63 -2.35
CA LEU A 191 10.11 -3.83 -1.14
C LEU A 191 11.49 -4.36 -1.46
N GLN A 192 12.44 -4.03 -0.61
CA GLN A 192 13.82 -4.44 -0.75
C GLN A 192 14.09 -5.66 0.11
N GLY A 193 14.90 -6.57 -0.41
CA GLY A 193 15.30 -7.78 0.28
C GLY A 193 16.78 -7.79 0.62
N ILE A 194 17.46 -8.86 0.19
CA ILE A 194 18.85 -9.07 0.53
C ILE A 194 19.76 -8.20 -0.31
N THR A 195 21.05 -8.14 0.07
CA THR A 195 22.08 -7.46 -0.70
C THR A 195 23.18 -8.49 -0.95
N LYS A 196 23.00 -9.29 -2.00
CA LYS A 196 23.91 -10.38 -2.33
C LYS A 196 24.96 -9.96 -3.35
N GLU A 197 25.69 -8.89 -3.04
CA GLU A 197 26.69 -8.40 -3.97
C GLU A 197 27.73 -9.48 -4.24
N VAL A 198 28.37 -9.39 -5.39
CA VAL A 198 29.39 -10.35 -5.79
C VAL A 198 30.70 -9.62 -6.03
N SER B 1 -0.57 16.35 63.21
CA SER B 1 0.22 15.31 63.91
C SER B 1 1.09 14.55 62.94
N LYS B 2 2.22 14.04 63.45
CA LYS B 2 3.08 13.15 62.67
C LYS B 2 3.08 11.78 63.33
N PRO B 3 2.07 10.97 63.05
CA PRO B 3 2.09 9.59 63.51
C PRO B 3 3.19 8.83 62.78
N ARG B 4 3.24 7.53 63.05
CA ARG B 4 4.31 6.71 62.48
C ARG B 4 3.75 5.78 61.41
N ASN B 5 4.61 5.42 60.47
CA ASN B 5 4.18 4.64 59.31
C ASN B 5 4.21 3.16 59.67
N GLN B 6 3.09 2.70 60.16
CA GLN B 6 2.89 1.27 60.30
C GLN B 6 2.72 0.60 58.97
N ASN B 7 2.72 1.39 57.90
CA ASN B 7 2.60 0.83 56.56
C ASN B 7 3.68 -0.20 56.31
N GLN B 8 3.40 -1.06 55.34
CA GLN B 8 4.33 -2.08 54.93
C GLN B 8 5.51 -1.48 54.19
N VAL B 9 6.60 -2.23 54.12
CA VAL B 9 7.69 -1.91 53.21
C VAL B 9 7.26 -2.35 51.81
N MET B 10 7.25 -1.44 50.87
CA MET B 10 6.68 -1.72 49.58
C MET B 10 7.79 -2.02 48.57
N PRO B 11 8.03 -3.28 48.23
CA PRO B 11 9.13 -3.61 47.34
C PRO B 11 8.88 -3.12 45.93
N TYR B 12 9.84 -3.43 45.05
CA TYR B 12 9.85 -2.84 43.73
C TYR B 12 10.94 -3.47 42.89
N GLN B 13 11.11 -2.90 41.70
CA GLN B 13 12.34 -3.02 40.92
C GLN B 13 12.52 -1.75 40.11
N ASN B 14 13.78 -1.33 39.97
CA ASN B 14 14.11 -0.13 39.23
C ASN B 14 13.68 -0.20 37.77
N VAL B 15 13.16 -1.34 37.32
CA VAL B 15 12.87 -1.59 35.92
C VAL B 15 12.16 -0.41 35.27
N PRO B 16 12.81 0.26 34.33
CA PRO B 16 12.13 1.31 33.54
C PRO B 16 11.59 0.78 32.23
N GLY B 17 10.73 1.58 31.62
CA GLY B 17 10.18 1.25 30.33
C GLY B 17 9.65 -0.17 30.26
N TRP B 18 9.16 -0.67 31.37
CA TRP B 18 8.64 -2.03 31.42
C TRP B 18 7.53 -2.21 30.39
N GLY B 19 7.72 -3.18 29.51
CA GLY B 19 6.70 -3.48 28.51
C GLY B 19 6.56 -2.42 27.45
N TYR B 20 7.66 -1.99 26.83
CA TYR B 20 7.56 -1.12 25.68
C TYR B 20 7.22 -1.89 24.42
N SER B 21 7.69 -3.14 24.31
CA SER B 21 7.28 -4.00 23.21
C SER B 21 5.77 -4.20 23.23
N LEU B 22 5.19 -4.28 24.41
CA LEU B 22 3.76 -4.53 24.56
C LEU B 22 2.96 -3.36 24.00
N TYR B 23 1.63 -3.49 23.99
CA TYR B 23 0.78 -2.42 23.50
C TYR B 23 -0.07 -1.77 24.59
N LYS B 24 0.03 -2.20 25.83
CA LYS B 24 -0.69 -1.52 26.89
C LYS B 24 0.04 -1.61 28.23
N ASP B 27 2.61 1.69 30.00
CA ASP B 27 1.31 2.33 30.20
C ASP B 27 1.48 3.81 30.49
N MET B 28 2.55 4.41 29.97
CA MET B 28 2.79 5.83 30.24
C MET B 28 3.84 6.39 29.29
N SER B 29 4.05 7.69 29.45
CA SER B 29 5.13 8.45 28.84
C SER B 29 5.09 9.84 29.43
N VAL B 30 5.93 10.72 28.91
CA VAL B 30 6.01 12.10 29.36
C VAL B 30 5.42 12.99 28.29
N PRO B 31 4.37 13.76 28.57
CA PRO B 31 3.87 14.73 27.61
C PRO B 31 4.69 16.01 27.61
N LEU B 32 4.38 16.85 26.63
CA LEU B 32 5.04 18.13 26.46
C LEU B 32 4.00 19.18 26.09
N ALA B 33 2.88 19.16 26.79
CA ALA B 33 1.77 20.04 26.46
C ALA B 33 1.15 20.56 27.75
N TYR B 34 -0.02 21.16 27.62
CA TYR B 34 -0.71 21.70 28.77
C TYR B 34 -1.39 20.59 29.56
N ASP B 35 -2.20 19.79 28.90
CA ASP B 35 -3.16 18.96 29.61
C ASP B 35 -2.83 17.47 29.53
N PRO B 36 -2.94 16.75 30.65
CA PRO B 36 -2.79 15.29 30.61
C PRO B 36 -4.04 14.57 30.17
N ASN B 37 -5.16 15.27 30.03
CA ASN B 37 -6.38 14.72 29.48
C ASN B 37 -6.52 15.02 27.99
N ASN B 38 -5.39 15.11 27.30
CA ASN B 38 -5.37 15.59 25.92
C ASN B 38 -5.93 14.50 25.00
N GLU B 39 -7.24 14.33 25.08
CA GLU B 39 -7.95 13.48 24.15
C GLU B 39 -8.48 14.33 22.99
N LEU B 40 -8.40 13.78 21.78
CA LEU B 40 -8.72 14.57 20.60
C LEU B 40 -10.15 14.39 20.13
N GLY B 41 -10.53 13.19 19.69
CA GLY B 41 -11.83 12.98 19.09
C GLY B 41 -11.91 11.67 18.33
N ASP B 42 -12.90 11.60 17.45
CA ASP B 42 -13.30 10.35 16.82
C ASP B 42 -13.41 10.47 15.30
N LEU B 43 -12.53 11.26 14.70
CA LEU B 43 -12.27 11.22 13.26
C LEU B 43 -13.47 11.58 12.40
N ARG B 44 -14.19 12.65 12.72
CA ARG B 44 -15.31 13.04 11.89
C ARG B 44 -14.83 13.88 10.71
N ASP B 45 -15.30 13.51 9.52
CA ASP B 45 -14.95 14.22 8.30
C ASP B 45 -13.44 14.37 8.18
N VAL B 46 -12.72 13.31 8.55
CA VAL B 46 -11.29 13.19 8.31
C VAL B 46 -10.99 12.04 7.36
N PHE B 47 -11.51 10.86 7.66
CA PHE B 47 -11.35 9.68 6.82
C PHE B 47 -12.73 9.13 6.52
N PRO B 48 -13.28 9.38 5.35
CA PRO B 48 -14.65 8.92 5.04
C PRO B 48 -14.69 7.44 4.69
N SER B 49 -14.67 6.60 5.73
CA SER B 49 -14.64 5.16 5.53
C SER B 49 -15.07 4.47 6.81
N ALA B 50 -15.33 3.17 6.70
CA ALA B 50 -15.63 2.35 7.86
C ALA B 50 -14.44 2.33 8.80
N VAL B 51 -13.36 1.70 8.35
CA VAL B 51 -12.07 1.74 9.02
C VAL B 51 -11.03 1.23 8.04
N ASP B 52 -9.87 1.88 8.02
CA ASP B 52 -8.85 1.58 7.04
C ASP B 52 -7.60 0.97 7.64
N GLU B 53 -7.44 1.03 8.96
CA GLU B 53 -6.20 0.60 9.60
C GLU B 53 -6.45 -0.61 10.47
N MET B 54 -7.36 -0.47 11.42
CA MET B 54 -7.82 -1.63 12.15
C MET B 54 -8.74 -2.44 11.27
N ALA B 55 -9.17 -3.59 11.77
CA ALA B 55 -10.01 -4.50 11.02
C ALA B 55 -9.33 -4.85 9.69
N ILE B 56 -8.12 -5.41 9.84
CA ILE B 56 -7.26 -5.63 8.69
C ILE B 56 -7.92 -6.48 7.63
N GLY B 57 -9.00 -7.17 7.97
CA GLY B 57 -9.81 -7.82 6.97
C GLY B 57 -10.18 -6.82 5.89
N TYR B 58 -10.22 -5.55 6.28
CA TYR B 58 -10.43 -4.48 5.31
C TYR B 58 -9.25 -4.41 4.33
N VAL B 59 -8.05 -4.20 4.85
CA VAL B 59 -6.87 -4.07 4.02
C VAL B 59 -6.40 -5.42 3.51
N CYS B 60 -6.23 -6.39 4.40
CA CYS B 60 -5.85 -7.72 3.95
C CYS B 60 -6.89 -8.25 2.97
N GLY B 61 -8.14 -7.87 3.16
CA GLY B 61 -9.19 -8.12 2.20
C GLY B 61 -9.26 -7.10 1.09
N ASN B 62 -8.22 -6.29 0.93
CA ASN B 62 -8.18 -5.31 -0.13
C ASN B 62 -7.64 -5.97 -1.39
N PRO B 63 -8.37 -5.95 -2.51
CA PRO B 63 -7.89 -6.63 -3.70
C PRO B 63 -6.54 -6.11 -4.16
N ALA B 64 -5.92 -6.87 -5.04
CA ALA B 64 -4.69 -6.46 -5.68
C ALA B 64 -4.36 -7.45 -6.77
N ILE B 65 -3.61 -6.98 -7.77
CA ILE B 65 -3.26 -7.76 -8.94
C ILE B 65 -1.83 -8.22 -8.80
N LYS B 66 -1.61 -9.52 -8.97
CA LYS B 66 -0.26 -10.07 -8.89
C LYS B 66 0.41 -10.00 -10.25
N HIS B 67 -0.20 -10.60 -11.27
CA HIS B 67 0.43 -10.62 -12.57
C HIS B 67 -0.59 -11.01 -13.63
N VAL B 68 -0.24 -10.73 -14.88
CA VAL B 68 -1.07 -11.09 -16.03
C VAL B 68 -0.42 -12.29 -16.70
N LEU B 69 -1.22 -13.10 -17.38
CA LEU B 69 -0.71 -14.23 -18.13
C LEU B 69 -1.39 -14.30 -19.49
N THR B 70 -0.59 -14.45 -20.53
CA THR B 70 -1.10 -14.50 -21.89
C THR B 70 -1.42 -15.94 -22.26
N TRP B 71 -2.56 -16.12 -22.92
CA TRP B 71 -3.00 -17.42 -23.39
C TRP B 71 -3.17 -17.36 -24.90
N SER B 72 -2.39 -18.18 -25.59
CA SER B 72 -2.44 -18.25 -27.04
C SER B 72 -3.13 -19.55 -27.45
N THR B 73 -3.75 -19.51 -28.63
CA THR B 73 -4.36 -20.72 -29.17
C THR B 73 -3.37 -21.87 -29.21
N THR B 74 -2.08 -21.56 -29.28
CA THR B 74 -1.05 -22.57 -29.34
C THR B 74 -0.56 -23.00 -27.97
N ASP B 75 -1.26 -22.63 -26.91
CA ASP B 75 -0.88 -23.08 -25.57
C ASP B 75 -1.40 -24.51 -25.37
N VAL B 76 -0.48 -25.41 -25.03
CA VAL B 76 -0.83 -26.82 -24.97
C VAL B 76 -1.93 -27.03 -23.94
N VAL B 77 -2.74 -28.05 -24.18
CA VAL B 77 -3.80 -28.37 -23.25
C VAL B 77 -3.23 -29.06 -22.02
N GLN B 78 -3.80 -28.74 -20.86
CA GLN B 78 -3.39 -29.35 -19.59
C GLN B 78 -1.92 -29.19 -19.32
N ASN B 79 -1.30 -28.22 -19.96
CA ASN B 79 -0.02 -27.75 -19.49
C ASN B 79 -0.17 -26.37 -18.88
N PRO B 80 0.61 -26.08 -17.84
CA PRO B 80 0.48 -24.78 -17.20
C PRO B 80 0.72 -23.67 -18.21
N ILE B 81 -0.17 -22.68 -18.17
CA ILE B 81 -0.04 -21.53 -19.05
C ILE B 81 1.25 -20.82 -18.69
N SER B 82 2.21 -20.89 -19.59
CA SER B 82 3.59 -20.55 -19.26
C SER B 82 3.75 -19.08 -18.96
N ASN B 83 4.71 -18.79 -18.08
CA ASN B 83 5.07 -17.41 -17.75
C ASN B 83 6.58 -17.29 -17.68
N GLY B 84 7.28 -17.86 -18.66
CA GLY B 84 8.72 -17.92 -18.58
C GLY B 84 9.15 -18.90 -17.51
N ASP B 85 10.18 -18.52 -16.76
CA ASP B 85 10.70 -19.33 -15.67
C ASP B 85 10.16 -18.90 -14.32
N ASP B 86 9.17 -18.01 -14.28
CA ASP B 86 8.61 -17.50 -13.05
C ASP B 86 7.14 -17.87 -12.96
N TRP B 87 6.63 -17.89 -11.73
CA TRP B 87 5.25 -18.26 -11.45
C TRP B 87 4.29 -17.24 -12.02
N GLY B 88 1.80 -18.91 -14.61
CA GLY B 88 0.53 -19.56 -14.33
C GLY B 88 0.66 -20.67 -13.32
N VAL B 90 1.90 -21.00 -12.96
CA VAL B 90 2.15 -21.99 -11.92
C VAL B 90 2.06 -21.25 -10.61
N ILE B 91 0.84 -21.15 -10.09
CA ILE B 91 0.59 -20.21 -9.00
C ILE B 91 0.65 -20.90 -7.64
N PRO B 92 1.52 -20.48 -6.75
CA PRO B 92 1.42 -20.93 -5.36
C PRO B 92 0.28 -20.21 -4.66
N VAL B 93 -0.18 -20.81 -3.57
CA VAL B 93 -1.24 -20.25 -2.74
C VAL B 93 -0.66 -19.97 -1.36
N GLY B 94 -0.96 -18.79 -0.85
CA GLY B 94 -0.39 -18.30 0.39
C GLY B 94 -0.14 -16.82 0.25
N MET B 95 -0.06 -16.15 1.39
CA MET B 95 0.08 -14.71 1.41
C MET B 95 1.52 -14.29 1.14
N PRO B 96 2.49 -14.90 1.82
CA PRO B 96 3.87 -14.38 1.74
C PRO B 96 4.39 -14.26 0.31
N CYS B 97 5.39 -13.40 0.17
CA CYS B 97 5.95 -13.10 -1.14
C CYS B 97 6.78 -14.27 -1.66
N TYR B 98 6.67 -14.51 -2.96
CA TYR B 98 7.46 -15.54 -3.62
C TYR B 98 8.13 -15.08 -4.90
N SER B 99 7.58 -14.12 -5.63
CA SER B 99 8.12 -13.71 -6.92
C SER B 99 9.01 -12.49 -6.71
N LYS B 100 10.25 -12.75 -6.34
CA LYS B 100 11.23 -11.69 -6.26
C LYS B 100 12.05 -11.64 -7.54
N THR B 101 12.69 -10.49 -7.75
CA THR B 101 13.53 -10.26 -8.90
C THR B 101 14.80 -9.59 -8.42
N ILE B 102 15.71 -9.29 -9.34
CA ILE B 102 17.04 -8.81 -8.97
C ILE B 102 17.32 -7.50 -9.68
N ARG B 103 17.87 -6.56 -8.92
CA ARG B 103 18.65 -5.45 -9.45
C ARG B 103 20.10 -5.76 -9.11
N ALA B 104 20.87 -6.16 -10.11
CA ALA B 104 22.26 -6.54 -9.91
C ALA B 104 23.15 -5.62 -10.71
N VAL B 105 24.10 -4.99 -10.02
CA VAL B 105 25.00 -4.04 -10.64
C VAL B 105 26.30 -3.97 -9.86
N THR B 111 26.47 -7.09 -10.41
CA THR B 111 27.34 -7.73 -9.44
C THR B 111 26.78 -7.62 -8.03
N SER B 112 25.90 -6.64 -7.83
CA SER B 112 25.34 -6.40 -6.50
C SER B 112 24.28 -7.43 -6.15
N LYS B 113 23.46 -7.82 -7.12
CA LYS B 113 22.41 -8.82 -6.94
C LYS B 113 21.61 -8.57 -5.66
N THR B 114 20.92 -7.44 -5.65
CA THR B 114 19.99 -7.13 -4.58
C THR B 114 18.58 -7.49 -5.04
N GLU B 115 17.88 -8.27 -4.22
CA GLU B 115 16.56 -8.76 -4.61
C GLU B 115 15.47 -7.81 -4.14
N VAL B 116 14.41 -7.72 -4.94
CA VAL B 116 13.25 -6.88 -4.67
C VAL B 116 11.98 -7.67 -4.94
N MET B 117 10.85 -7.10 -4.54
CA MET B 117 9.56 -7.78 -4.60
C MET B 117 8.46 -6.81 -5.03
N ASP B 118 7.30 -7.39 -5.43
CA ASP B 118 6.10 -6.62 -5.79
C ASP B 118 4.93 -7.02 -4.92
N PRO B 119 5.09 -7.04 -3.60
CA PRO B 119 4.04 -7.62 -2.76
C PRO B 119 2.82 -6.72 -2.70
N ALA B 120 1.65 -7.33 -2.87
CA ALA B 120 0.40 -6.64 -2.65
C ALA B 120 0.21 -6.37 -1.16
N PRO B 121 -0.84 -5.64 -0.80
CA PRO B 121 -1.10 -5.44 0.63
C PRO B 121 -1.27 -6.75 1.37
N CYS B 122 -2.06 -7.66 0.83
CA CYS B 122 -2.31 -8.92 1.50
C CYS B 122 -1.01 -9.66 1.79
N GLU B 123 0.02 -9.42 1.00
CA GLU B 123 1.35 -9.96 1.27
C GLU B 123 2.17 -9.00 2.12
N TYR B 124 2.33 -7.77 1.62
CA TYR B 124 3.10 -6.75 2.33
C TYR B 124 2.82 -6.78 3.82
N VAL B 125 1.56 -6.97 4.19
CA VAL B 125 1.19 -7.03 5.60
C VAL B 125 1.95 -8.13 6.31
N ALA B 126 1.88 -9.36 5.79
CA ALA B 126 2.36 -10.50 6.55
C ALA B 126 3.86 -10.49 6.70
N ASN B 127 4.59 -9.96 5.72
CA ASN B 127 6.04 -9.91 5.84
C ASN B 127 6.47 -9.17 7.10
N LEU B 128 5.53 -8.52 7.78
CA LEU B 128 5.77 -8.07 9.15
C LEU B 128 5.91 -9.25 10.08
N PHE B 129 4.97 -10.19 10.01
CA PHE B 129 4.77 -11.16 11.06
C PHE B 129 5.57 -12.44 10.78
N SER B 130 5.47 -13.37 11.72
CA SER B 130 6.19 -14.64 11.63
C SER B 130 5.36 -15.73 10.99
N TYR B 131 4.16 -15.96 11.53
CA TYR B 131 3.30 -17.04 11.09
C TYR B 131 1.96 -16.45 10.67
N TRP B 132 1.21 -17.20 9.89
CA TRP B 132 -0.05 -16.69 9.37
C TRP B 132 -1.06 -17.81 9.17
N ARG B 133 -2.31 -17.40 9.05
CA ARG B 133 -3.44 -18.27 8.76
C ARG B 133 -4.56 -17.41 8.22
N ALA B 134 -5.14 -17.82 7.10
CA ALA B 134 -6.19 -17.01 6.50
C ALA B 134 -6.73 -17.71 5.27
N THR B 135 -7.91 -17.27 4.84
CA THR B 135 -8.45 -17.69 3.57
C THR B 135 -8.06 -16.71 2.48
N MET B 136 -7.70 -17.24 1.33
CA MET B 136 -7.31 -16.45 0.18
C MET B 136 -8.46 -16.39 -0.79
N CYS B 137 -9.06 -15.21 -0.93
CA CYS B 137 -10.04 -14.98 -1.98
C CYS B 137 -9.30 -14.42 -3.18
N TYR B 138 -8.88 -15.31 -4.07
CA TYR B 138 -8.43 -14.90 -5.38
C TYR B 138 -9.64 -14.49 -6.20
N ARG B 139 -9.38 -13.82 -7.32
CA ARG B 139 -10.42 -13.52 -8.28
C ARG B 139 -9.80 -13.35 -9.66
N ILE B 140 -10.09 -14.27 -10.55
CA ILE B 140 -9.45 -14.33 -11.85
C ILE B 140 -10.43 -13.82 -12.88
N THR B 141 -9.93 -13.03 -13.82
CA THR B 141 -10.78 -12.49 -14.86
C THR B 141 -9.99 -12.35 -16.15
N VAL B 142 -10.66 -12.56 -17.26
CA VAL B 142 -10.00 -12.56 -18.55
C VAL B 142 -10.31 -11.27 -19.29
N VAL B 143 -9.39 -10.90 -20.17
CA VAL B 143 -9.60 -9.81 -21.11
C VAL B 143 -9.73 -10.44 -22.49
N LYS B 144 -10.84 -10.14 -23.16
CA LYS B 144 -11.16 -10.88 -24.37
C LYS B 144 -12.21 -10.13 -25.17
N THR B 145 -12.42 -10.61 -26.37
CA THR B 145 -13.63 -10.35 -27.13
C THR B 145 -14.58 -11.53 -26.95
N ALA B 146 -15.79 -11.40 -27.50
CA ALA B 146 -16.72 -12.52 -27.45
C ALA B 146 -16.27 -13.66 -28.34
N PHE B 147 -15.62 -13.34 -29.46
CA PHE B 147 -15.14 -14.38 -30.37
C PHE B 147 -14.07 -15.25 -29.72
N HIS B 148 -13.23 -14.67 -28.87
CA HIS B 148 -12.28 -15.48 -28.12
C HIS B 148 -13.03 -16.48 -27.26
N THR B 149 -12.61 -17.74 -27.34
CA THR B 149 -13.35 -18.81 -26.68
C THR B 149 -12.42 -19.94 -26.33
N GLY B 150 -12.90 -20.80 -25.44
CA GLY B 150 -12.11 -21.90 -24.95
C GLY B 150 -12.59 -22.29 -23.56
N ARG B 151 -11.92 -23.30 -23.02
CA ARG B 151 -12.17 -23.79 -21.68
C ARG B 151 -10.88 -23.69 -20.89
N LEU B 152 -10.99 -23.53 -19.58
CA LEU B 152 -9.82 -23.46 -18.73
C LEU B 152 -10.06 -24.22 -17.44
N GLU B 153 -9.01 -24.91 -16.96
CA GLU B 153 -9.07 -25.64 -15.71
C GLU B 153 -8.23 -24.93 -14.66
N ILE B 154 -8.78 -24.81 -13.46
CA ILE B 154 -8.06 -24.41 -12.27
C ILE B 154 -8.11 -25.57 -11.30
N PHE B 155 -6.94 -26.05 -10.88
CA PHE B 155 -6.93 -27.15 -9.93
C PHE B 155 -5.94 -26.88 -8.83
N PHE B 156 -6.38 -27.15 -7.60
CA PHE B 156 -5.62 -26.85 -6.40
C PHE B 156 -5.04 -28.13 -5.83
N GLU B 157 -3.75 -28.10 -5.51
CA GLU B 157 -3.04 -29.23 -4.94
C GLU B 157 -2.26 -28.73 -3.73
N PRO B 158 -2.55 -29.21 -2.52
CA PRO B 158 -1.77 -28.79 -1.36
C PRO B 158 -0.32 -29.27 -1.47
N GLY B 159 0.47 -28.88 -0.49
CA GLY B 159 1.77 -29.47 -0.31
C GLY B 159 2.89 -28.74 -1.03
N SER B 160 3.90 -29.52 -1.40
CA SER B 160 5.07 -28.98 -2.04
C SER B 160 4.76 -28.65 -3.49
N ILE B 161 5.82 -28.34 -4.24
CA ILE B 161 5.69 -27.96 -5.64
C ILE B 161 6.87 -28.53 -6.42
N PRO B 162 6.66 -28.99 -7.65
CA PRO B 162 7.80 -29.30 -8.51
C PRO B 162 8.48 -28.02 -8.97
N THR B 163 9.71 -27.80 -8.51
CA THR B 163 10.37 -26.53 -8.68
C THR B 163 11.69 -26.69 -9.41
N VAL B 164 12.18 -25.56 -9.88
CA VAL B 164 13.51 -25.41 -10.46
C VAL B 164 14.25 -24.41 -9.60
N ARG B 165 15.56 -24.54 -9.51
CA ARG B 165 16.33 -23.78 -8.53
C ARG B 165 17.45 -22.99 -9.18
N THR B 166 17.81 -21.89 -8.53
CA THR B 166 18.89 -21.03 -8.95
C THR B 166 19.61 -20.54 -7.70
N ALA B 167 20.83 -20.05 -7.87
CA ALA B 167 21.57 -19.49 -6.76
C ALA B 167 21.07 -18.11 -6.35
N ASP B 168 20.08 -17.57 -7.06
CA ASP B 168 19.51 -16.28 -6.72
C ASP B 168 18.00 -16.33 -6.55
N ASN B 169 17.32 -17.30 -7.16
CA ASN B 169 15.87 -17.35 -7.14
C ASN B 169 15.44 -18.77 -7.45
N LEU B 170 14.14 -19.01 -7.34
CA LEU B 170 13.55 -20.28 -7.70
C LEU B 170 12.57 -20.07 -8.85
N GLY B 171 11.98 -21.17 -9.30
CA GLY B 171 10.98 -21.12 -10.33
C GLY B 171 10.13 -22.37 -10.31
N PRO B 172 9.07 -22.39 -11.10
CA PRO B 172 8.23 -23.58 -11.17
C PRO B 172 8.70 -24.54 -12.26
N ASP B 173 8.22 -25.78 -12.16
CA ASP B 173 8.53 -26.83 -13.11
C ASP B 173 7.26 -27.19 -13.86
N GLN B 174 7.26 -26.93 -15.17
CA GLN B 174 6.09 -27.23 -15.99
C GLN B 174 5.97 -28.72 -16.27
N THR B 175 7.10 -29.42 -16.37
CA THR B 175 7.08 -30.82 -16.79
C THR B 175 6.20 -31.66 -15.87
N GLN B 176 6.33 -31.45 -14.57
CA GLN B 176 5.56 -32.23 -13.60
C GLN B 176 4.10 -31.80 -13.55
N LEU B 177 3.66 -30.97 -14.49
CA LEU B 177 2.31 -30.45 -14.49
C LEU B 177 1.54 -30.83 -15.75
N ASN B 178 2.13 -31.66 -16.61
CA ASN B 178 1.39 -32.21 -17.73
C ASN B 178 0.15 -32.96 -17.21
N GLY B 179 -0.85 -33.08 -18.08
CA GLY B 179 -2.07 -33.76 -17.70
C GLY B 179 -1.88 -35.20 -17.31
N THR B 180 -0.74 -35.79 -17.67
CA THR B 180 -0.51 -37.20 -17.36
C THR B 180 -0.02 -37.39 -15.93
N ILE B 181 0.80 -36.46 -15.42
CA ILE B 181 1.29 -36.60 -14.06
C ILE B 181 0.25 -36.14 -13.06
N ALA B 182 -0.30 -34.94 -13.28
CA ALA B 182 -1.34 -34.38 -12.41
C ALA B 182 -2.58 -34.21 -13.26
N PRO B 183 -3.46 -35.21 -13.31
CA PRO B 183 -4.62 -35.13 -14.20
C PRO B 183 -5.58 -34.04 -13.80
N SER B 184 -5.69 -33.78 -12.51
CA SER B 184 -6.60 -32.77 -11.97
C SER B 184 -8.04 -33.17 -12.18
N ASP B 185 -8.31 -34.47 -12.11
CA ASP B 185 -9.63 -34.98 -12.45
C ASP B 185 -10.54 -35.00 -11.23
N ASN B 186 -10.04 -35.52 -10.11
CA ASN B 186 -10.78 -35.55 -8.86
C ASN B 186 -10.44 -34.40 -7.94
N ASN B 187 -9.23 -33.86 -8.02
CA ASN B 187 -8.82 -32.79 -7.13
C ASN B 187 -9.82 -31.64 -7.17
N TYR B 188 -9.79 -30.83 -6.12
CA TYR B 188 -10.60 -29.63 -6.10
C TYR B 188 -10.23 -28.75 -7.29
N LYS B 189 -11.25 -28.33 -8.02
CA LYS B 189 -11.00 -27.61 -9.26
C LYS B 189 -12.26 -26.88 -9.69
N TYR B 190 -12.06 -25.95 -10.60
CA TYR B 190 -13.11 -25.29 -11.34
C TYR B 190 -12.76 -25.36 -12.82
N ILE B 191 -13.78 -25.28 -13.66
CA ILE B 191 -13.58 -25.08 -15.08
C ILE B 191 -14.30 -23.81 -15.46
N LEU B 192 -13.56 -22.87 -16.02
CA LEU B 192 -14.17 -21.66 -16.53
C LEU B 192 -14.37 -21.80 -18.02
N ASP B 193 -15.61 -21.66 -18.46
CA ASP B 193 -15.96 -21.71 -19.87
C ASP B 193 -16.18 -20.25 -20.27
N LEU B 194 -15.16 -19.67 -20.90
CA LEU B 194 -15.18 -18.25 -21.22
C LEU B 194 -16.51 -17.80 -21.80
N THR B 195 -17.21 -18.69 -22.50
CA THR B 195 -18.38 -18.31 -23.27
C THR B 195 -19.55 -17.88 -22.39
N ASN B 196 -19.49 -18.12 -21.09
CA ASN B 196 -20.64 -17.84 -20.23
C ASN B 196 -20.26 -17.07 -18.98
N ASP B 197 -18.97 -17.06 -18.65
CA ASP B 197 -18.49 -16.31 -17.51
C ASP B 197 -17.07 -15.87 -17.76
N THR B 198 -16.66 -14.82 -17.07
CA THR B 198 -15.34 -14.25 -17.28
C THR B 198 -14.60 -13.92 -16.00
N GLU B 199 -15.26 -13.95 -14.85
CA GLU B 199 -14.62 -13.65 -13.59
C GLU B 199 -15.06 -14.68 -12.57
N VAL B 200 -14.11 -15.15 -11.76
CA VAL B 200 -14.37 -16.18 -10.76
C VAL B 200 -13.69 -15.74 -9.48
N THR B 201 -14.45 -15.65 -8.39
CA THR B 201 -13.87 -15.39 -7.08
C THR B 201 -13.65 -16.73 -6.39
N ILE B 202 -12.37 -17.11 -6.26
CA ILE B 202 -12.00 -18.42 -5.74
C ILE B 202 -11.64 -18.20 -4.28
N LYS B 203 -12.51 -18.67 -3.39
CA LYS B 203 -12.27 -18.58 -1.96
C LYS B 203 -11.65 -19.88 -1.48
N VAL B 204 -10.38 -19.84 -1.13
CA VAL B 204 -9.62 -21.00 -0.70
C VAL B 204 -9.37 -20.87 0.80
N PRO B 205 -9.93 -21.74 1.64
CA PRO B 205 -9.71 -21.62 3.07
C PRO B 205 -8.30 -22.05 3.44
N TYR B 206 -8.02 -21.95 4.74
CA TYR B 206 -6.75 -22.38 5.26
C TYR B 206 -6.81 -23.85 5.64
N VAL B 207 -5.97 -24.66 5.01
CA VAL B 207 -5.95 -26.09 5.27
C VAL B 207 -4.51 -26.57 5.32
N SER B 208 -4.12 -27.12 6.46
CA SER B 208 -2.75 -27.58 6.64
C SER B 208 -2.72 -28.61 7.75
N ASN B 209 -1.61 -29.31 7.84
CA ASN B 209 -1.29 -30.09 9.02
C ASN B 209 -0.65 -29.24 10.10
N LYS B 210 -0.55 -27.94 9.85
CA LYS B 210 -0.07 -26.97 10.81
C LYS B 210 -1.18 -25.98 11.12
N MET B 211 -1.45 -25.76 12.41
CA MET B 211 -2.50 -24.83 12.78
C MET B 211 -2.33 -23.51 12.06
N PHE B 212 -1.09 -23.07 11.93
CA PHE B 212 -0.72 -21.82 11.27
C PHE B 212 0.36 -22.14 10.25
N MET B 213 0.72 -21.13 9.47
CA MET B 213 1.76 -21.30 8.47
C MET B 213 2.80 -20.20 8.59
N LYS B 214 4.02 -20.53 8.17
CA LYS B 214 5.11 -19.58 8.21
C LYS B 214 4.88 -18.45 7.22
N THR B 215 5.57 -17.34 7.46
CA THR B 215 5.40 -16.12 6.69
C THR B 215 6.67 -15.72 5.94
N VAL B 216 7.73 -16.53 6.03
CA VAL B 216 8.97 -16.18 5.36
C VAL B 216 8.76 -16.03 3.87
N GLY B 217 7.90 -16.86 3.29
CA GLY B 217 7.74 -16.91 1.85
C GLY B 217 9.07 -17.16 1.18
N ILE B 218 9.58 -16.17 0.46
CA ILE B 218 10.87 -16.24 -0.19
C ILE B 218 11.70 -15.06 0.30
N TYR B 219 12.87 -15.36 0.88
CA TYR B 219 13.81 -14.34 1.29
C TYR B 219 15.15 -14.98 1.61
N GLY B 220 16.23 -14.48 0.99
CA GLY B 220 17.50 -15.15 1.09
C GLY B 220 17.33 -16.59 0.67
N ALA B 221 16.30 -16.82 -0.14
CA ALA B 221 15.81 -18.15 -0.45
C ALA B 221 16.06 -18.43 -1.92
N HIS B 222 16.98 -19.33 -2.20
CA HIS B 222 17.37 -19.72 -3.54
C HIS B 222 17.57 -21.22 -3.52
N ASP B 223 18.27 -21.74 -4.54
CA ASP B 223 18.56 -23.16 -4.65
C ASP B 223 18.86 -23.77 -3.29
N GLU B 224 19.58 -23.04 -2.44
CA GLU B 224 19.94 -23.55 -1.13
C GLU B 224 18.81 -23.37 -0.12
N ASP B 225 18.47 -22.12 0.18
CA ASP B 225 17.39 -21.84 1.13
C ASP B 225 16.05 -21.99 0.46
N ASN B 226 15.79 -23.19 -0.05
CA ASN B 226 14.54 -23.47 -0.77
C ASN B 226 13.49 -24.03 0.16
N TRP B 227 13.91 -24.77 1.19
CA TRP B 227 12.96 -25.51 1.99
C TRP B 227 12.08 -24.58 2.81
N ASN B 228 12.60 -23.42 3.20
CA ASN B 228 11.76 -22.45 3.87
C ASN B 228 10.60 -22.03 2.98
N PHE B 229 10.90 -21.78 1.71
CA PHE B 229 9.86 -21.44 0.76
C PHE B 229 8.87 -22.59 0.59
N ASP B 230 9.40 -23.82 0.55
CA ASP B 230 8.50 -24.97 0.49
C ASP B 230 7.62 -25.04 1.74
N GLU B 231 8.12 -24.54 2.86
CA GLU B 231 7.42 -24.54 4.13
C GLU B 231 6.52 -23.33 4.32
N SER B 232 6.60 -22.36 3.42
CA SER B 232 5.94 -21.08 3.60
C SER B 232 4.56 -21.01 2.96
N PHE B 233 4.15 -22.03 2.21
CA PHE B 233 2.86 -22.03 1.55
C PHE B 233 2.11 -23.32 1.88
N THR B 234 0.79 -23.24 1.90
CA THR B 234 -0.03 -24.40 2.19
C THR B 234 -0.09 -25.34 1.00
N GLY B 235 -0.03 -24.81 -0.21
CA GLY B 235 -0.21 -25.63 -1.38
C GLY B 235 0.21 -24.88 -2.62
N PHE B 236 -0.51 -25.13 -3.70
CA PHE B 236 -0.30 -24.42 -4.94
C PHE B 236 -1.43 -24.75 -5.89
N LEU B 237 -1.85 -23.76 -6.65
CA LEU B 237 -2.82 -23.98 -7.71
C LEU B 237 -2.12 -24.14 -9.03
N CYS B 238 -2.90 -24.49 -10.04
CA CYS B 238 -2.42 -24.50 -11.41
C CYS B 238 -3.55 -24.12 -12.33
N ILE B 239 -3.20 -23.28 -13.28
CA ILE B 239 -4.06 -22.91 -14.39
C ILE B 239 -3.58 -23.69 -15.60
N ARG B 240 -4.50 -24.32 -16.31
CA ARG B 240 -4.10 -25.01 -17.52
C ARG B 240 -5.20 -24.91 -18.56
N PRO B 241 -4.85 -24.61 -19.81
CA PRO B 241 -5.83 -24.71 -20.88
C PRO B 241 -6.31 -26.14 -21.01
N ILE B 242 -7.62 -26.32 -20.96
CA ILE B 242 -8.20 -27.64 -21.11
C ILE B 242 -8.66 -27.78 -22.55
N THR B 243 -9.14 -26.69 -23.13
CA THR B 243 -9.42 -26.60 -24.54
C THR B 243 -8.68 -25.40 -25.12
N LYS B 244 -8.19 -25.56 -26.33
CA LYS B 244 -7.42 -24.50 -26.95
C LYS B 244 -8.28 -23.25 -27.11
N LEU B 245 -7.60 -22.11 -27.08
CA LEU B 245 -8.26 -20.85 -27.39
C LEU B 245 -8.70 -20.86 -28.85
N MET B 246 -9.96 -20.51 -29.09
CA MET B 246 -10.51 -20.42 -30.44
C MET B 246 -10.68 -18.96 -30.78
N ALA B 247 -9.92 -18.49 -31.76
CA ALA B 247 -9.88 -17.08 -32.06
C ALA B 247 -9.61 -16.85 -33.55
N PRO B 248 -10.60 -16.44 -34.32
CA PRO B 248 -10.34 -16.10 -35.72
C PRO B 248 -9.49 -14.84 -35.83
N ASP B 249 -8.74 -14.76 -36.93
CA ASP B 249 -7.91 -13.57 -37.16
C ASP B 249 -8.72 -12.30 -37.23
N THR B 250 -10.05 -12.40 -37.24
CA THR B 250 -10.85 -11.21 -37.05
C THR B 250 -10.45 -10.47 -35.79
N VAL B 251 -9.87 -11.17 -34.82
CA VAL B 251 -9.44 -10.61 -33.54
C VAL B 251 -8.04 -11.12 -33.25
N SER B 252 -7.52 -10.71 -32.09
CA SER B 252 -6.22 -11.21 -31.67
C SER B 252 -6.24 -12.72 -31.57
N GLN B 253 -5.11 -13.34 -31.88
CA GLN B 253 -4.95 -14.77 -31.76
C GLN B 253 -4.64 -15.20 -30.34
N LYS B 254 -4.77 -14.29 -29.38
CA LYS B 254 -4.49 -14.62 -28.00
C LYS B 254 -5.33 -13.73 -27.10
N VAL B 255 -5.29 -14.06 -25.81
CA VAL B 255 -6.00 -13.34 -24.77
C VAL B 255 -5.07 -13.24 -23.56
N SER B 256 -5.59 -12.66 -22.48
CA SER B 256 -4.82 -12.56 -21.26
C SER B 256 -5.75 -12.67 -20.06
N ILE B 257 -5.14 -13.00 -18.92
CA ILE B 257 -5.87 -13.26 -17.68
C ILE B 257 -5.17 -12.50 -16.56
N VAL B 258 -5.98 -12.08 -15.58
CA VAL B 258 -5.53 -11.28 -14.46
C VAL B 258 -5.98 -11.95 -13.17
N VAL B 259 -5.15 -11.83 -12.14
CA VAL B 259 -5.33 -12.55 -10.89
C VAL B 259 -5.40 -11.54 -9.76
N TRP B 260 -6.62 -11.09 -9.45
CA TRP B 260 -6.84 -10.33 -8.24
C TRP B 260 -6.62 -11.21 -7.03
N LYS B 261 -6.18 -10.60 -5.94
CA LYS B 261 -5.91 -11.32 -4.72
C LYS B 261 -6.37 -10.52 -3.53
N TRP B 262 -7.04 -11.18 -2.59
CA TRP B 262 -7.29 -10.61 -1.28
C TRP B 262 -7.53 -11.77 -0.32
N ALA B 263 -7.89 -11.45 0.91
CA ALA B 263 -8.04 -12.48 1.92
C ALA B 263 -9.22 -12.18 2.83
N GLU B 264 -9.67 -13.22 3.51
CA GLU B 264 -10.79 -13.17 4.43
C GLU B 264 -10.52 -14.14 5.57
N ASP B 265 -11.20 -13.92 6.69
CA ASP B 265 -11.01 -14.73 7.88
C ASP B 265 -9.52 -14.79 8.21
N VAL B 266 -8.88 -13.66 8.12
CA VAL B 266 -7.43 -13.58 8.22
C VAL B 266 -7.02 -13.53 9.67
N VAL B 267 -5.77 -13.91 9.92
CA VAL B 267 -5.20 -13.86 11.25
C VAL B 267 -3.69 -13.97 11.12
N VAL B 268 -2.99 -13.37 12.06
CA VAL B 268 -1.54 -13.42 12.14
C VAL B 268 -1.16 -13.80 13.56
N VAL B 269 0.12 -14.14 13.73
CA VAL B 269 0.58 -14.66 15.00
C VAL B 269 1.50 -13.68 15.70
N GLU B 270 2.66 -13.43 15.11
CA GLU B 270 3.66 -12.66 15.81
C GLU B 270 4.28 -11.61 14.89
N PRO B 271 4.67 -10.46 15.44
CA PRO B 271 5.16 -9.35 14.61
C PRO B 271 6.63 -9.43 14.21
N LYS B 272 7.36 -10.44 14.64
CA LYS B 272 8.75 -10.62 14.21
C LYS B 272 8.78 -11.45 12.95
N PRO B 273 9.30 -10.95 11.84
CA PRO B 273 9.34 -11.74 10.62
C PRO B 273 10.36 -12.86 10.71
N LEU B 274 10.52 -13.56 9.59
CA LEU B 274 11.34 -14.76 9.52
C LEU B 274 12.56 -14.59 8.64
N THR B 275 13.09 -13.38 8.52
CA THR B 275 14.20 -13.09 7.63
C THR B 275 15.50 -13.03 8.43
N SER B 276 16.59 -12.71 7.73
CA SER B 276 17.87 -12.47 8.36
C SER B 276 18.27 -11.00 8.29
N GLY B 277 17.50 -10.20 7.57
CA GLY B 277 17.72 -8.77 7.51
C GLY B 277 16.40 -8.05 7.68
N PRO B 278 16.42 -6.96 8.43
CA PRO B 278 15.16 -6.28 8.75
C PRO B 278 14.45 -5.82 7.49
N THR B 279 13.19 -5.42 7.69
CA THR B 279 12.42 -4.88 6.58
C THR B 279 13.08 -3.64 6.03
N GLN B 280 13.08 -3.52 4.71
CA GLN B 280 13.60 -2.32 4.07
C GLN B 280 13.05 -2.25 2.67
N VAL B 281 12.60 -1.06 2.29
CA VAL B 281 12.05 -0.85 0.96
C VAL B 281 13.18 -0.65 -0.04
N TYR B 282 12.95 -1.09 -1.28
CA TYR B 282 13.83 -0.72 -2.37
C TYR B 282 13.44 0.68 -2.82
N ASN B 283 14.10 1.68 -2.26
CA ASN B 283 13.85 3.05 -2.64
C ASN B 283 14.56 3.34 -3.96
N PRO B 284 13.84 3.50 -5.06
CA PRO B 284 14.47 3.60 -6.36
C PRO B 284 15.57 4.65 -6.36
N PRO B 285 16.79 4.27 -6.69
CA PRO B 285 17.84 5.26 -6.89
C PRO B 285 17.63 5.98 -8.21
N ALA B 286 18.47 6.99 -8.44
CA ALA B 286 18.41 7.72 -9.69
C ALA B 286 18.46 6.78 -10.88
N VAL B 287 19.42 5.86 -10.89
CA VAL B 287 19.71 5.06 -12.07
C VAL B 287 20.11 3.65 -11.63
N ALA B 288 20.10 2.73 -12.60
CA ALA B 288 20.46 1.35 -12.35
C ALA B 288 21.76 1.21 -11.57
N SER C 1 -27.47 37.48 -4.43
CA SER C 1 -27.87 37.82 -5.78
C SER C 1 -28.63 36.67 -6.43
N ILE C 2 -28.22 35.44 -6.10
CA ILE C 2 -28.79 34.24 -6.69
C ILE C 2 -28.85 33.16 -5.61
N ILE C 3 -29.81 32.24 -5.77
CA ILE C 3 -29.98 31.19 -4.77
C ILE C 3 -28.96 30.06 -4.98
N GLN C 4 -28.96 29.46 -6.17
CA GLN C 4 -28.29 28.19 -6.37
C GLN C 4 -27.47 28.23 -7.65
N PHE C 5 -26.49 27.33 -7.73
CA PHE C 5 -25.39 27.44 -8.67
C PHE C 5 -25.22 26.15 -9.46
N LEU C 6 -24.12 26.08 -10.20
CA LEU C 6 -23.95 25.13 -11.28
C LEU C 6 -23.37 23.82 -10.77
N GLN C 7 -24.04 22.73 -11.12
CA GLN C 7 -23.49 21.38 -11.01
C GLN C 7 -23.36 20.74 -12.39
N ARG C 8 -23.35 21.57 -13.44
CA ARG C 8 -23.44 21.11 -14.81
C ARG C 8 -22.26 20.20 -15.17
N PRO C 9 -22.53 18.97 -15.61
CA PRO C 9 -21.44 18.13 -16.11
C PRO C 9 -20.82 18.72 -17.38
N VAL C 10 -19.52 18.55 -17.49
CA VAL C 10 -18.75 19.07 -18.61
C VAL C 10 -17.67 18.06 -18.96
N LEU C 11 -17.21 18.15 -20.20
CA LEU C 11 -16.21 17.24 -20.72
C LEU C 11 -14.81 17.77 -20.46
N ILE C 12 -13.84 16.87 -20.51
CA ILE C 12 -12.43 17.23 -20.37
C ILE C 12 -11.63 16.78 -21.59
N ASP C 13 -11.57 15.48 -21.84
CA ASP C 13 -10.68 14.94 -22.85
C ASP C 13 -11.33 13.75 -23.55
N ASN C 14 -10.78 13.43 -24.72
CA ASN C 14 -11.19 12.27 -25.50
C ASN C 14 -9.96 11.71 -26.19
N ILE C 15 -9.63 10.46 -25.91
CA ILE C 15 -8.43 9.79 -26.37
C ILE C 15 -8.79 8.61 -27.25
N GLU C 16 -7.85 8.24 -28.11
CA GLU C 16 -8.02 7.12 -29.02
C GLU C 16 -6.79 6.22 -28.99
N ILE C 17 -7.02 4.94 -29.25
CA ILE C 17 -5.97 3.93 -29.24
C ILE C 17 -6.26 2.90 -30.34
N VAL C 18 -5.20 2.24 -30.81
CA VAL C 18 -5.30 1.18 -31.79
C VAL C 18 -4.24 0.13 -31.52
N ALA C 19 -4.55 -1.12 -31.84
CA ALA C 19 -3.63 -2.22 -31.56
C ALA C 19 -2.28 -1.98 -32.21
N GLY C 20 -1.23 -2.49 -31.56
CA GLY C 20 0.13 -2.24 -31.99
C GLY C 20 0.61 -0.83 -31.76
N THR C 21 -0.12 -0.03 -30.97
CA THR C 21 0.23 1.37 -30.73
C THR C 21 1.23 1.44 -29.58
N THR C 22 2.49 1.22 -29.91
CA THR C 22 3.57 1.28 -28.92
C THR C 22 3.77 2.75 -28.51
N ALA C 23 3.40 3.07 -27.28
CA ALA C 23 3.57 4.43 -26.78
C ALA C 23 3.27 4.45 -25.29
N ASP C 24 3.39 5.65 -24.71
CA ASP C 24 3.10 5.83 -23.30
C ASP C 24 1.72 5.32 -22.94
N ASN C 25 0.77 5.42 -23.87
CA ASN C 25 -0.56 4.86 -23.65
C ASN C 25 -0.58 3.35 -23.82
N ASN C 26 0.59 2.74 -23.97
CA ASN C 26 0.72 1.30 -24.07
C ASN C 26 1.94 0.91 -23.25
N THR C 27 2.46 -0.30 -23.41
CA THR C 27 3.42 -0.84 -22.45
C THR C 27 2.74 -0.90 -21.08
N ALA C 28 1.60 -1.59 -21.06
CA ALA C 28 0.65 -1.46 -19.98
C ALA C 28 1.20 -1.88 -18.63
N LEU C 29 1.40 -0.91 -17.75
CA LEU C 29 1.66 -1.19 -16.34
C LEU C 29 2.78 -2.18 -16.14
N SER C 30 4.00 -1.79 -16.49
CA SER C 30 5.16 -2.61 -16.18
C SER C 30 5.03 -3.21 -14.80
N ARG C 31 5.34 -4.51 -14.71
CA ARG C 31 5.16 -5.23 -13.46
C ARG C 31 5.84 -4.52 -12.30
N TYR C 32 7.14 -4.37 -12.39
CA TYR C 32 7.94 -3.69 -11.39
C TYR C 32 8.43 -2.35 -11.93
N VAL C 33 8.87 -1.49 -11.03
CA VAL C 33 9.55 -0.26 -11.37
C VAL C 33 10.77 -0.15 -10.48
N LEU C 34 11.95 -0.36 -11.05
CA LEU C 34 13.19 -0.27 -10.30
C LEU C 34 13.75 1.14 -10.28
N ASP C 35 13.87 1.76 -11.43
CA ASP C 35 14.51 3.06 -11.55
C ASP C 35 13.46 4.15 -11.65
N ARG C 36 13.81 5.31 -11.14
CA ARG C 36 12.95 6.48 -11.29
C ARG C 36 12.93 6.99 -12.72
N THR C 37 13.73 6.41 -13.60
CA THR C 37 13.79 6.81 -14.99
C THR C 37 12.98 5.92 -15.91
N ASN C 38 12.46 4.81 -15.39
CA ASN C 38 11.51 3.96 -16.11
C ASN C 38 10.23 3.82 -15.30
N PRO C 39 9.64 4.93 -14.86
CA PRO C 39 8.42 4.85 -14.05
C PRO C 39 7.30 4.14 -14.76
N GLN C 40 6.21 3.89 -14.04
CA GLN C 40 5.06 3.26 -14.67
C GLN C 40 4.53 4.20 -15.73
N LYS C 41 4.80 3.88 -16.99
CA LYS C 41 4.45 4.75 -18.09
C LYS C 41 2.94 4.84 -18.21
N TYR C 42 2.38 5.94 -17.73
CA TYR C 42 0.94 6.10 -17.68
C TYR C 42 0.40 6.57 -19.02
N ILE C 43 -0.88 6.91 -19.03
CA ILE C 43 -1.55 7.34 -20.25
C ILE C 43 -2.03 8.77 -20.13
N LYS C 44 -2.70 9.11 -19.03
CA LYS C 44 -3.34 10.40 -18.90
C LYS C 44 -3.40 10.80 -17.44
N GLN C 45 -3.34 12.11 -17.22
CA GLN C 45 -3.24 12.68 -15.89
C GLN C 45 -4.02 13.97 -15.85
N TRP C 46 -4.79 14.16 -14.79
CA TRP C 46 -5.54 15.39 -14.56
C TRP C 46 -5.24 15.89 -13.16
N THR C 47 -4.69 17.10 -13.08
CA THR C 47 -4.43 17.73 -11.80
C THR C 47 -5.73 18.35 -11.30
N LEU C 48 -6.25 17.83 -10.20
CA LEU C 48 -7.53 18.26 -9.69
C LEU C 48 -7.39 18.91 -8.33
N PRO C 49 -8.31 19.83 -7.99
CA PRO C 49 -9.51 20.15 -8.77
C PRO C 49 -9.40 21.33 -9.74
N SER C 50 -8.19 21.79 -10.02
CA SER C 50 -8.03 23.01 -10.81
C SER C 50 -8.58 22.84 -12.22
N THR C 51 -7.99 21.90 -12.98
CA THR C 51 -8.32 21.77 -14.40
C THR C 51 -9.82 21.80 -14.63
N VAL C 52 -10.59 21.22 -13.71
CA VAL C 52 -12.05 21.26 -13.83
C VAL C 52 -12.52 22.70 -13.85
N LEU C 53 -12.24 23.43 -12.77
CA LEU C 53 -12.71 24.81 -12.67
C LEU C 53 -12.20 25.65 -13.82
N LYS C 54 -11.04 25.30 -14.36
CA LYS C 54 -10.41 26.14 -15.37
C LYS C 54 -11.05 25.90 -16.73
N ALA C 55 -11.01 24.67 -17.21
CA ALA C 55 -11.52 24.37 -18.54
C ALA C 55 -13.02 24.07 -18.53
N GLY C 56 -13.63 23.92 -17.36
CA GLY C 56 -15.02 23.56 -17.30
C GLY C 56 -15.99 24.67 -17.66
N GLY C 57 -15.49 25.90 -17.77
CA GLY C 57 -16.35 27.02 -18.08
C GLY C 57 -17.26 27.46 -16.95
N LYS C 58 -17.09 26.91 -15.75
CA LYS C 58 -17.88 27.34 -14.61
C LYS C 58 -17.25 28.53 -13.90
N ALA C 59 -16.01 28.89 -14.26
CA ALA C 59 -15.28 29.89 -13.51
C ALA C 59 -16.05 31.20 -13.40
N GLN C 60 -16.39 31.80 -14.54
CA GLN C 60 -16.92 33.16 -14.53
C GLN C 60 -18.04 33.30 -13.52
N LYS C 61 -19.12 32.55 -13.68
CA LYS C 61 -20.22 32.58 -12.74
C LYS C 61 -20.00 31.64 -11.57
N LEU C 62 -18.74 31.31 -11.30
CA LEU C 62 -18.33 30.74 -10.03
C LEU C 62 -17.25 31.54 -9.35
N ALA C 63 -16.48 32.35 -10.07
CA ALA C 63 -15.35 33.05 -9.48
C ALA C 63 -15.85 34.14 -8.54
N ASN C 64 -14.91 34.95 -8.04
CA ASN C 64 -15.21 35.96 -7.04
C ASN C 64 -15.57 35.29 -5.72
N PHE C 65 -14.98 34.13 -5.49
CA PHE C 65 -15.07 33.42 -4.23
C PHE C 65 -13.72 32.82 -3.91
N LYS C 66 -13.47 32.59 -2.63
CA LYS C 66 -12.13 32.20 -2.22
C LYS C 66 -12.06 30.77 -1.69
N TYR C 67 -12.89 30.43 -0.71
CA TYR C 67 -12.81 29.13 -0.06
C TYR C 67 -13.88 28.21 -0.61
N LEU C 68 -13.56 26.92 -0.66
CA LEU C 68 -14.46 25.92 -1.23
C LEU C 68 -14.24 24.57 -0.58
N ARG C 69 -15.31 23.79 -0.50
CA ARG C 69 -15.26 22.39 -0.11
C ARG C 69 -16.21 21.62 -1.01
N CYS C 70 -15.72 20.53 -1.60
CA CYS C 70 -16.49 19.87 -2.64
C CYS C 70 -15.98 18.45 -2.84
N ASP C 71 -16.85 17.62 -3.41
CA ASP C 71 -16.55 16.24 -3.77
C ASP C 71 -16.74 16.09 -5.26
N VAL C 72 -15.68 15.76 -5.97
CA VAL C 72 -15.75 15.73 -7.41
C VAL C 72 -16.40 14.42 -7.86
N GLN C 73 -17.24 14.52 -8.86
CA GLN C 73 -17.81 13.37 -9.56
C GLN C 73 -17.21 13.32 -10.95
N VAL C 74 -17.13 12.10 -11.49
CA VAL C 74 -16.55 11.90 -12.81
C VAL C 74 -17.16 10.65 -13.40
N LYS C 75 -17.17 10.60 -14.73
CA LYS C 75 -17.61 9.38 -15.39
C LYS C 75 -17.04 9.33 -16.79
N ILE C 76 -16.83 8.10 -17.25
CA ILE C 76 -16.20 7.80 -18.52
C ILE C 76 -17.14 6.93 -19.33
N VAL C 77 -17.32 7.30 -20.59
CA VAL C 77 -18.13 6.51 -21.50
C VAL C 77 -17.33 6.25 -22.76
N LEU C 78 -17.73 5.21 -23.49
CA LEU C 78 -16.99 4.64 -24.59
C LEU C 78 -17.96 4.10 -25.63
N ASN C 79 -17.57 4.22 -26.89
CA ASN C 79 -18.34 3.67 -28.00
C ASN C 79 -17.39 3.02 -29.00
N ALA C 80 -16.43 2.28 -28.48
CA ALA C 80 -15.33 1.76 -29.27
C ALA C 80 -15.73 0.49 -30.03
N ASN C 81 -14.85 0.06 -30.92
CA ASN C 81 -15.08 -1.14 -31.68
C ASN C 81 -14.94 -2.37 -30.79
N PRO C 82 -15.56 -3.49 -31.17
CA PRO C 82 -15.43 -4.71 -30.35
C PRO C 82 -14.13 -5.44 -30.58
N PHE C 83 -13.56 -5.35 -31.78
CA PHE C 83 -12.41 -6.18 -32.12
C PHE C 83 -11.20 -5.89 -31.25
N ILE C 84 -11.19 -4.76 -30.56
CA ILE C 84 -10.11 -4.48 -29.61
C ILE C 84 -10.30 -5.36 -28.38
N ALA C 85 -9.20 -5.59 -27.67
CA ALA C 85 -9.23 -6.32 -26.42
C ALA C 85 -8.27 -5.70 -25.40
N GLY C 86 -8.72 -5.61 -24.16
CA GLY C 86 -7.92 -5.13 -23.05
C GLY C 86 -8.80 -4.47 -22.01
N ARG C 87 -8.12 -3.93 -20.99
CA ARG C 87 -8.80 -3.32 -19.87
C ARG C 87 -7.91 -2.22 -19.30
N LEU C 88 -8.55 -1.31 -18.57
CA LEU C 88 -7.89 -0.15 -18.00
C LEU C 88 -8.31 0.02 -16.55
N TYR C 89 -7.57 0.85 -15.85
CA TYR C 89 -7.90 1.20 -14.48
C TYR C 89 -7.58 2.66 -14.22
N LEU C 90 -8.52 3.34 -13.57
CA LEU C 90 -8.43 4.74 -13.20
C LEU C 90 -8.25 4.85 -11.70
N ALA C 91 -7.45 5.80 -11.26
CA ALA C 91 -7.23 5.98 -9.83
C ALA C 91 -6.80 7.41 -9.57
N TYR C 92 -6.76 7.76 -8.29
CA TYR C 92 -6.32 9.08 -7.87
C TYR C 92 -5.33 8.97 -6.73
N SER C 93 -4.34 9.87 -6.78
CA SER C 93 -3.30 9.94 -5.77
C SER C 93 -3.27 11.35 -5.19
N PRO C 94 -3.62 11.53 -3.92
CA PRO C 94 -3.52 12.87 -3.34
C PRO C 94 -2.09 13.32 -3.20
N TYR C 95 -1.82 14.54 -3.66
CA TYR C 95 -0.54 15.19 -3.43
C TYR C 95 0.63 14.35 -3.96
N ASP C 96 0.37 13.53 -4.96
CA ASP C 96 1.41 12.67 -5.49
C ASP C 96 2.60 13.48 -5.98
N ASP C 97 2.37 14.73 -6.35
CA ASP C 97 3.42 15.54 -6.96
C ASP C 97 4.44 16.06 -5.96
N LYS C 98 4.18 15.92 -4.66
CA LYS C 98 4.95 16.57 -3.62
C LYS C 98 5.42 15.64 -2.51
N VAL C 99 4.73 14.54 -2.27
CA VAL C 99 5.14 13.61 -1.22
C VAL C 99 6.43 12.94 -1.66
N ALA C 100 7.06 12.24 -0.74
CA ALA C 100 8.23 11.47 -1.09
C ALA C 100 7.94 10.65 -2.35
N PRO C 101 8.90 10.51 -3.26
CA PRO C 101 8.60 9.82 -4.52
C PRO C 101 8.17 8.38 -4.31
N GLU C 102 8.75 7.71 -3.33
CA GLU C 102 8.48 6.31 -3.11
C GLU C 102 7.03 6.05 -2.70
N ARG C 103 6.31 7.08 -2.30
CA ARG C 103 4.90 6.96 -1.95
C ARG C 103 3.99 7.45 -3.06
N ARG C 104 4.53 7.68 -4.25
CA ARG C 104 3.74 8.14 -5.37
C ARG C 104 3.02 6.96 -6.02
N ILE C 105 1.94 7.28 -6.74
CA ILE C 105 1.25 6.26 -7.50
C ILE C 105 2.17 5.70 -8.57
N ILE C 106 3.01 6.57 -9.15
CA ILE C 106 4.08 6.15 -10.02
C ILE C 106 5.21 5.71 -9.12
N TYR C 107 6.22 5.07 -9.69
CA TYR C 107 7.35 4.56 -8.93
C TYR C 107 6.93 3.45 -7.98
N THR C 108 5.89 2.70 -8.37
CA THR C 108 5.43 1.54 -7.63
C THR C 108 5.06 0.45 -8.60
N SER C 109 4.62 -0.67 -8.05
CA SER C 109 4.19 -1.80 -8.85
C SER C 109 2.77 -1.60 -9.34
N ARG C 110 2.39 -2.42 -10.32
CA ARG C 110 1.00 -2.43 -10.74
C ARG C 110 0.10 -2.89 -9.61
N ALA C 111 0.59 -3.82 -8.79
CA ALA C 111 -0.20 -4.30 -7.65
C ALA C 111 -0.48 -3.16 -6.68
N GLY C 112 0.57 -2.46 -6.26
CA GLY C 112 0.37 -1.29 -5.43
C GLY C 112 -0.55 -0.28 -6.09
N VAL C 113 -0.33 -0.05 -7.39
CA VAL C 113 -1.17 0.90 -8.11
C VAL C 113 -2.63 0.57 -7.94
N THR C 114 -3.03 -0.62 -8.40
CA THR C 114 -4.42 -1.02 -8.28
C THR C 114 -4.88 -1.07 -6.83
N GLY C 115 -3.96 -1.21 -5.88
CA GLY C 115 -4.34 -1.11 -4.49
C GLY C 115 -5.02 0.20 -4.18
N TYR C 116 -4.64 1.25 -4.89
CA TYR C 116 -5.31 2.52 -4.75
C TYR C 116 -6.80 2.36 -5.03
N PRO C 117 -7.61 3.32 -4.63
CA PRO C 117 -9.05 3.21 -4.90
C PRO C 117 -9.37 3.50 -6.36
N GLY C 118 -10.60 3.20 -6.71
CA GLY C 118 -11.09 3.51 -8.04
C GLY C 118 -11.97 2.38 -8.54
N VAL C 119 -12.06 2.31 -9.87
CA VAL C 119 -12.85 1.30 -10.53
C VAL C 119 -12.23 1.02 -11.89
N GLU C 120 -12.50 -0.17 -12.42
CA GLU C 120 -11.84 -0.64 -13.63
C GLU C 120 -12.70 -0.35 -14.85
N LEU C 121 -12.19 -0.74 -16.02
CA LEU C 121 -12.80 -0.35 -17.28
C LEU C 121 -12.44 -1.37 -18.35
N ASP C 122 -13.37 -2.26 -18.67
CA ASP C 122 -13.16 -3.15 -19.80
C ASP C 122 -13.34 -2.38 -21.10
N PHE C 123 -12.33 -2.47 -21.98
CA PHE C 123 -12.43 -1.80 -23.28
C PHE C 123 -13.81 -1.97 -23.89
N GLN C 124 -14.34 -3.18 -23.85
CA GLN C 124 -15.54 -3.54 -24.60
C GLN C 124 -16.80 -3.52 -23.75
N LEU C 125 -16.68 -3.87 -22.46
CA LEU C 125 -17.84 -4.13 -21.62
C LEU C 125 -18.23 -2.95 -20.76
N ASP C 126 -17.27 -2.33 -20.06
CA ASP C 126 -17.58 -1.25 -19.14
C ASP C 126 -17.96 0.00 -19.94
N ASN C 127 -19.22 0.00 -20.37
CA ASN C 127 -19.68 1.05 -21.27
C ASN C 127 -19.65 2.41 -20.59
N SER C 128 -20.27 2.51 -19.43
CA SER C 128 -20.35 3.76 -18.69
C SER C 128 -19.90 3.50 -17.26
N VAL C 129 -18.72 4.00 -16.92
CA VAL C 129 -18.18 3.88 -15.58
C VAL C 129 -18.33 5.22 -14.89
N GLU C 130 -18.56 5.17 -13.58
CA GLU C 130 -18.67 6.38 -12.78
C GLU C 130 -17.68 6.29 -11.63
N MET C 131 -17.44 7.43 -10.99
CA MET C 131 -16.52 7.50 -9.88
C MET C 131 -16.76 8.81 -9.13
N THR C 132 -16.47 8.78 -7.84
CA THR C 132 -16.68 9.95 -7.00
C THR C 132 -15.49 10.06 -6.05
N ILE C 133 -14.68 11.09 -6.26
CA ILE C 133 -13.51 11.34 -5.42
C ILE C 133 -13.92 12.35 -4.36
N PRO C 134 -13.88 12.00 -3.08
CA PRO C 134 -14.29 12.93 -2.04
C PRO C 134 -13.27 14.03 -1.84
N TYR C 135 -13.51 14.84 -0.81
CA TYR C 135 -12.61 15.92 -0.45
C TYR C 135 -11.39 15.32 0.25
N ALA C 136 -10.40 14.97 -0.55
CA ALA C 136 -9.16 14.39 -0.05
C ALA C 136 -8.24 15.41 0.56
N SER C 137 -8.64 16.68 0.58
CA SER C 137 -7.76 17.72 1.09
C SER C 137 -7.52 17.55 2.58
N PHE C 138 -6.27 17.73 2.97
CA PHE C 138 -5.98 17.97 4.38
C PHE C 138 -6.39 19.35 4.80
N GLN C 139 -6.39 20.28 3.86
CA GLN C 139 -6.84 21.64 4.08
C GLN C 139 -8.37 21.67 4.19
N GLU C 140 -8.85 22.52 5.09
CA GLU C 140 -10.29 22.61 5.30
C GLU C 140 -11.04 22.86 4.00
N ALA C 141 -10.57 23.84 3.23
CA ALA C 141 -11.28 24.29 2.06
C ALA C 141 -10.26 24.65 0.99
N TYR C 142 -10.72 24.71 -0.24
CA TYR C 142 -9.84 24.95 -1.36
C TYR C 142 -9.87 26.42 -1.76
N ASP C 143 -8.70 26.96 -2.04
CA ASP C 143 -8.56 28.33 -2.48
C ASP C 143 -8.77 28.40 -3.99
N LEU C 144 -9.37 29.50 -4.44
CA LEU C 144 -9.66 29.71 -5.85
C LEU C 144 -8.80 30.80 -6.46
N VAL C 145 -8.68 31.94 -5.78
CA VAL C 145 -7.89 33.04 -6.31
C VAL C 145 -6.48 32.55 -6.65
N SER C 146 -5.97 31.60 -5.87
CA SER C 146 -4.71 30.94 -6.17
C SER C 146 -4.91 29.74 -7.08
N GLY C 147 -5.90 28.91 -6.78
CA GLY C 147 -6.13 27.70 -7.55
C GLY C 147 -4.90 26.83 -7.68
N ASN C 148 -3.89 27.08 -6.84
CA ASN C 148 -2.59 26.42 -6.97
C ASN C 148 -2.56 25.04 -6.34
N GLU C 149 -3.42 24.76 -5.37
CA GLU C 149 -3.33 23.53 -4.60
C GLU C 149 -4.29 22.48 -5.13
N ASP C 150 -3.92 21.88 -6.25
CA ASP C 150 -4.62 20.71 -6.74
C ASP C 150 -4.34 19.58 -5.77
N PHE C 151 -5.29 19.33 -4.87
CA PHE C 151 -5.02 18.38 -3.80
C PHE C 151 -5.07 16.94 -4.29
N VAL C 152 -5.12 16.71 -5.60
CA VAL C 152 -5.02 15.33 -6.07
C VAL C 152 -4.57 15.33 -7.52
N GLN C 153 -3.95 14.23 -7.93
CA GLN C 153 -3.77 13.91 -9.32
C GLN C 153 -4.65 12.70 -9.66
N LEU C 154 -5.14 12.67 -10.88
CA LEU C 154 -6.00 11.61 -11.35
C LEU C 154 -5.33 10.93 -12.53
N TYR C 155 -4.92 9.70 -12.35
CA TYR C 155 -4.16 8.96 -13.35
C TYR C 155 -5.01 7.86 -13.94
N LEU C 156 -5.04 7.80 -15.26
CA LEU C 156 -5.52 6.63 -15.97
C LEU C 156 -4.34 5.71 -16.23
N PHE C 157 -4.61 4.42 -16.37
CA PHE C 157 -3.60 3.42 -16.61
C PHE C 157 -4.18 2.27 -17.41
N THR C 158 -3.29 1.58 -18.13
CA THR C 158 -3.65 0.47 -18.98
C THR C 158 -3.27 -0.83 -18.31
N ILE C 159 -4.18 -1.80 -18.35
CA ILE C 159 -3.94 -3.11 -17.75
C ILE C 159 -3.27 -4.04 -18.73
N ALA C 160 -3.83 -4.17 -19.91
CA ALA C 160 -3.32 -5.03 -20.96
C ALA C 160 -3.27 -4.24 -22.25
N PRO C 161 -2.34 -4.58 -23.15
CA PRO C 161 -2.23 -3.82 -24.39
C PRO C 161 -3.55 -3.78 -25.13
N VAL C 162 -3.65 -2.81 -26.03
CA VAL C 162 -4.81 -2.72 -26.90
C VAL C 162 -4.73 -3.88 -27.88
N LEU C 163 -5.50 -4.93 -27.62
CA LEU C 163 -5.36 -6.19 -28.33
C LEU C 163 -6.47 -6.34 -29.36
N GLY C 164 -6.08 -6.78 -30.55
CA GLY C 164 -7.02 -6.92 -31.64
C GLY C 164 -6.40 -7.65 -32.81
N PRO C 165 -7.01 -7.53 -33.97
CA PRO C 165 -6.50 -8.21 -35.16
C PRO C 165 -5.03 -7.96 -35.42
N SER C 166 -4.46 -8.74 -36.33
CA SER C 166 -3.04 -8.61 -36.66
C SER C 166 -2.69 -7.17 -37.02
N ALA C 167 -3.28 -6.66 -38.10
CA ALA C 167 -3.11 -5.28 -38.52
C ALA C 167 -4.47 -4.61 -38.51
N GLU C 168 -4.58 -3.51 -37.78
CA GLU C 168 -5.88 -2.93 -37.47
C GLU C 168 -6.37 -2.04 -38.60
N SER C 169 -7.69 -1.89 -38.69
CA SER C 169 -8.30 -0.93 -39.59
C SER C 169 -8.45 0.40 -38.86
N ALA C 170 -8.96 1.40 -39.59
CA ALA C 170 -9.11 2.73 -39.01
C ALA C 170 -10.16 2.73 -37.92
N ASN C 171 -11.38 2.31 -38.24
CA ASN C 171 -12.40 2.17 -37.21
C ASN C 171 -12.06 1.07 -36.22
N SER C 172 -10.99 0.31 -36.46
CA SER C 172 -10.48 -0.61 -35.45
C SER C 172 -9.75 0.14 -34.36
N LYS C 173 -10.51 0.81 -33.49
CA LYS C 173 -9.96 1.80 -32.61
C LYS C 173 -10.81 1.90 -31.37
N VAL C 174 -10.33 2.65 -30.39
CA VAL C 174 -11.07 2.97 -29.19
C VAL C 174 -11.12 4.48 -29.04
N ASP C 175 -12.17 4.97 -28.39
CA ASP C 175 -12.31 6.37 -28.09
C ASP C 175 -12.94 6.52 -26.72
N LEU C 176 -12.73 7.68 -26.11
CA LEU C 176 -13.15 7.90 -24.74
C LEU C 176 -13.89 9.22 -24.61
N SER C 177 -14.72 9.28 -23.58
CA SER C 177 -15.54 10.45 -23.29
C SER C 177 -15.49 10.68 -21.80
N VAL C 178 -14.77 11.72 -21.39
CA VAL C 178 -14.64 12.11 -19.99
C VAL C 178 -15.71 13.12 -19.67
N TYR C 179 -16.23 13.07 -18.44
CA TYR C 179 -17.09 14.14 -17.93
C TYR C 179 -16.83 14.31 -16.44
N MET C 180 -16.55 15.54 -16.05
CA MET C 180 -16.21 15.89 -14.68
C MET C 180 -17.20 16.92 -14.16
N TRP C 181 -17.71 16.70 -12.96
CA TRP C 181 -18.59 17.65 -12.31
C TRP C 181 -18.39 17.50 -10.80
N LEU C 182 -19.35 18.01 -10.05
CA LEU C 182 -19.18 18.15 -8.61
C LEU C 182 -20.48 17.89 -7.88
N ASP C 183 -20.34 17.43 -6.64
CA ASP C 183 -21.44 17.33 -5.70
C ASP C 183 -20.86 17.51 -4.31
N ASN C 184 -21.73 17.81 -3.35
CA ASN C 184 -21.32 18.10 -1.98
C ASN C 184 -20.52 19.39 -1.91
N ILE C 185 -20.99 20.43 -2.58
CA ILE C 185 -20.27 21.68 -2.65
C ILE C 185 -20.78 22.64 -1.59
N SER C 186 -19.93 23.58 -1.19
CA SER C 186 -20.33 24.67 -0.31
C SER C 186 -19.36 25.83 -0.50
N LEU C 187 -19.87 26.97 -0.95
CA LEU C 187 -19.08 28.16 -1.16
C LEU C 187 -19.56 29.27 -0.22
N VAL C 188 -18.63 30.12 0.19
CA VAL C 188 -18.93 31.14 1.17
C VAL C 188 -18.55 32.54 0.73
N ILE C 189 -17.20 32.73 0.74
CA ILE C 189 -16.53 34.05 0.83
C ILE C 189 -16.43 34.87 -0.43
N PRO C 190 -16.97 36.12 -0.48
CA PRO C 190 -16.68 37.01 -1.60
C PRO C 190 -15.25 37.51 -1.54
N THR C 191 -14.73 37.88 -2.70
CA THR C 191 -13.39 38.46 -2.77
C THR C 191 -13.19 39.07 -4.14
N TYR C 192 -12.56 40.26 -4.16
CA TYR C 192 -12.23 40.87 -5.44
C TYR C 192 -11.13 40.09 -6.15
N ARG C 193 -10.21 39.50 -5.40
CA ARG C 193 -9.08 38.82 -6.01
C ARG C 193 -9.57 37.72 -6.95
N LEU C 194 -8.83 37.53 -8.04
CA LEU C 194 -9.26 36.67 -9.13
C LEU C 194 -8.16 35.71 -9.54
N ASN C 195 -8.55 34.48 -9.81
CA ASN C 195 -7.65 33.55 -10.46
C ASN C 195 -7.40 34.04 -11.89
N PRO C 196 -6.15 34.16 -12.33
CA PRO C 196 -5.84 34.72 -13.64
C PRO C 196 -6.35 33.86 -14.80
#